data_7Y1R
#
_entry.id   7Y1R
#
_cell.length_a   1.00
_cell.length_b   1.00
_cell.length_c   1.00
_cell.angle_alpha   90.00
_cell.angle_beta   90.00
_cell.angle_gamma   90.00
#
_symmetry.space_group_name_H-M   'P 1'
#
loop_
_entity.id
_entity.type
_entity.pdbx_description
1 polymer 'Transforming growth factor beta-1 proprotein'
2 polymer 'Transforming growth factor beta activator LRRC33'
3 branched beta-D-mannopyranose-(1-4)-2-acetamido-2-deoxy-beta-D-glucopyranose-(1-4)-2-acetamido-2-deoxy-beta-D-glucopyranose
4 branched 2-acetamido-2-deoxy-beta-D-glucopyranose-(1-4)-2-acetamido-2-deoxy-beta-D-glucopyranose
5 branched 2-acetamido-2-deoxy-beta-D-glucopyranose-(1-3)-2-acetamido-2-deoxy-beta-D-glucopyranose
6 non-polymer 2-acetamido-2-deoxy-beta-D-glucopyranose
#
loop_
_entity_poly.entity_id
_entity_poly.type
_entity_poly.pdbx_seq_one_letter_code
_entity_poly.pdbx_strand_id
1 'polypeptide(L)'
;MPLLLLLPLLWAGALALSTCKTIDMELVKRKRIEAIRGQILSKLRLASPPSQGEVPPGPLPEAVLALYNSTRDRVAGESA
EPEPEPEADYYAKEVTRVLMVETHNEIYDKFKQSTHSIYMFFNTSELREAVPEPVLLSRAELRLLRLKLKVEQHVELYQK
YSNNSWRYLSNRLLAPSDSPEWLSFDVTGVVRQWLSRGGEIEGFRLSAHCSCDSRDNTLQVDINGFTTGRRGDLATIHGM
NRPFLLLMATPLERAQHLQSSRHRRALDTNYCFSSTEKNCCVRQLYIDFRKDLGWKWIHEPKGYHANFCLGPCPYIWSLD
TQYSKVLALYNQHNPGASAAPCCVPQALEPLPIVYYVGRKPKVEQLSNMIVRSCKCS
;
A,B
2 'polypeptide(L)'
;MPLLLLLPLLWAGALAWRNRSGTATAASQGVCKLVGGAADCRGQSLASVPSSLPPHARMLTLDANPLKTLWNHSLQPYPL
LESLSLHSCHLERISRGAFQEQGHLRSLVLGDNCLSENYEETAAALHALPGLRRLDLSGNALTEDMAALMLQNLSSLRSV
SLAGNTIMRLDDSVFEGLERLRELDLQRNYIFEIEGGAFDGLAELRHLNLAFNNLPCIVDFGLTRLRVLNVSYNVLEWFL
ATGGEAAFELETLDLSHNQLLFFPLLPQYSKLRTLLLRDNNMGFYRDLYNTSSPREMVAQFLLVDGNVTNITTVSLWEEF
SSSDLADLRFLDMSQNQFQYLPDGFLRKMPSLSHLNLHQNCLMTLHIREHEPPGALTELDLSHNQLSELHLAPGLASCLG
SLRLFNLSSNQLLGVPPGLFANARNITTLDMSHNQISLCPLPAASDRVGPPSCVDFRNMASLRSLSLEGCGLGALPDCPF
QGTSLTYLDLSSNWGVLNGSLAPLQDVAPMLQVLSLRNMGLHSSFMALDFSGFGNLRDLDLSGNCLTTFPRFGGSLALET
LDLRRNSLTALPQKAVSEQLSRGLRTIYLSQNPYDCCGVDGWGALQHGQTVADWAMVTCNLSSKIIRVTELPGGVPRDCK
WERLDLGSNSLEVLFQ
;
E
#
loop_
_chem_comp.id
_chem_comp.type
_chem_comp.name
_chem_comp.formula
BMA D-saccharide, beta linking beta-D-mannopyranose 'C6 H12 O6'
NAG D-saccharide, beta linking 2-acetamido-2-deoxy-beta-D-glucopyranose 'C8 H15 N O6'
#
# COMPACT_ATOMS: atom_id res chain seq x y z
N LEU A 17 0.50 -30.69 3.76
CA LEU A 17 0.62 -29.27 3.41
C LEU A 17 1.87 -29.00 2.60
N SER A 18 1.69 -28.64 1.33
CA SER A 18 2.80 -28.27 0.47
C SER A 18 2.31 -27.28 -0.58
N THR A 19 3.25 -26.56 -1.16
CA THR A 19 2.98 -25.55 -2.17
C THR A 19 3.43 -26.04 -3.54
N CYS A 20 3.13 -25.25 -4.57
CA CYS A 20 3.50 -25.58 -5.94
C CYS A 20 4.96 -25.19 -6.15
N LYS A 21 5.39 -25.22 -7.42
CA LYS A 21 6.70 -24.62 -7.74
C LYS A 21 6.69 -23.11 -7.55
N THR A 22 5.51 -22.49 -7.57
CA THR A 22 5.34 -21.04 -7.37
C THR A 22 6.15 -20.34 -8.45
N ILE A 23 7.15 -19.51 -8.10
CA ILE A 23 7.96 -18.84 -9.12
C ILE A 23 9.08 -19.74 -9.60
N ASP A 24 9.37 -20.84 -8.89
CA ASP A 24 10.32 -21.88 -9.29
C ASP A 24 11.76 -21.42 -9.21
N MET A 25 12.65 -22.30 -8.76
CA MET A 25 14.07 -21.95 -8.66
C MET A 25 14.73 -21.91 -10.03
N GLU A 26 14.20 -22.65 -11.01
CA GLU A 26 14.75 -22.60 -12.36
C GLU A 26 14.14 -21.47 -13.18
N LEU A 27 12.88 -21.12 -12.92
CA LEU A 27 12.22 -20.09 -13.70
C LEU A 27 12.72 -18.69 -13.32
N VAL A 28 13.16 -18.51 -12.08
CA VAL A 28 13.72 -17.21 -11.69
C VAL A 28 15.04 -16.96 -12.41
N LYS A 29 15.80 -18.03 -12.70
CA LYS A 29 17.06 -17.89 -13.42
C LYS A 29 16.85 -17.67 -14.91
N ARG A 30 15.73 -18.14 -15.47
CA ARG A 30 15.48 -18.08 -16.89
C ARG A 30 14.39 -17.07 -17.21
N LYS A 31 14.16 -16.88 -18.52
CA LYS A 31 13.11 -16.04 -19.10
C LYS A 31 13.40 -14.55 -18.99
N ARG A 32 14.44 -14.15 -18.23
CA ARG A 32 14.81 -12.75 -18.25
C ARG A 32 15.44 -12.36 -19.57
N ILE A 33 16.17 -13.27 -20.20
CA ILE A 33 16.73 -13.01 -21.53
C ILE A 33 15.60 -12.74 -22.52
N GLU A 34 14.56 -13.57 -22.50
CA GLU A 34 13.43 -13.38 -23.40
C GLU A 34 12.68 -12.09 -23.06
N ALA A 35 12.51 -11.78 -21.77
CA ALA A 35 11.81 -10.57 -21.39
C ALA A 35 12.56 -9.32 -21.87
N ILE A 36 13.87 -9.29 -21.66
CA ILE A 36 14.65 -8.12 -22.08
C ILE A 36 14.72 -8.05 -23.61
N ARG A 37 14.77 -9.20 -24.29
CA ARG A 37 14.75 -9.19 -25.75
C ARG A 37 13.44 -8.60 -26.26
N GLY A 38 12.32 -9.01 -25.66
CA GLY A 38 11.04 -8.44 -26.05
C GLY A 38 10.94 -6.95 -25.74
N GLN A 39 11.50 -6.54 -24.61
CA GLN A 39 11.49 -5.12 -24.26
C GLN A 39 12.28 -4.29 -25.28
N ILE A 40 13.46 -4.77 -25.64
CA ILE A 40 14.28 -4.06 -26.63
C ILE A 40 13.58 -4.06 -27.99
N LEU A 41 12.96 -5.18 -28.35
CA LEU A 41 12.25 -5.26 -29.63
C LEU A 41 11.09 -4.28 -29.67
N SER A 42 10.33 -4.17 -28.58
CA SER A 42 9.19 -3.25 -28.55
C SER A 42 9.64 -1.80 -28.54
N LYS A 43 10.70 -1.48 -27.78
CA LYS A 43 11.15 -0.10 -27.70
C LYS A 43 11.80 0.36 -29.00
N LEU A 44 12.57 -0.51 -29.64
CA LEU A 44 13.22 -0.17 -30.90
C LEU A 44 12.29 -0.32 -32.10
N ARG A 45 11.16 -1.00 -31.94
CA ARG A 45 10.12 -1.16 -32.96
C ARG A 45 10.56 -2.14 -34.04
N LEU A 46 11.83 -2.55 -34.01
CA LEU A 46 12.36 -3.49 -34.99
C LEU A 46 12.13 -4.91 -34.49
N ALA A 47 11.23 -5.64 -35.17
CA ALA A 47 10.99 -7.03 -34.83
C ALA A 47 12.19 -7.91 -35.19
N SER A 48 12.93 -7.54 -36.21
CA SER A 48 14.10 -8.27 -36.69
C SER A 48 15.25 -7.29 -36.89
N PRO A 49 16.49 -7.76 -36.85
CA PRO A 49 17.61 -6.88 -37.14
C PRO A 49 17.49 -6.31 -38.54
N PRO A 50 17.93 -5.06 -38.74
CA PRO A 50 17.76 -4.44 -40.07
C PRO A 50 18.45 -5.21 -41.19
N SER A 51 19.73 -5.52 -41.04
CA SER A 51 20.45 -6.26 -42.07
C SER A 51 21.65 -6.94 -41.44
N GLN A 52 22.18 -7.93 -42.15
CA GLN A 52 23.37 -8.65 -41.74
C GLN A 52 24.48 -8.38 -42.74
N GLY A 53 25.66 -8.04 -42.25
CA GLY A 53 26.76 -7.67 -43.12
C GLY A 53 26.59 -6.28 -43.69
N GLU A 54 27.34 -6.00 -44.75
CA GLU A 54 27.34 -4.70 -45.43
C GLU A 54 27.65 -3.58 -44.43
N VAL A 55 28.67 -3.80 -43.62
CA VAL A 55 29.10 -2.82 -42.63
C VAL A 55 30.59 -2.58 -42.79
N PRO A 56 31.10 -1.40 -42.45
CA PRO A 56 32.54 -1.14 -42.59
C PRO A 56 33.33 -1.94 -41.58
N PRO A 57 34.26 -2.79 -42.03
CA PRO A 57 35.08 -3.59 -41.09
C PRO A 57 36.25 -2.78 -40.54
N GLY A 58 35.94 -1.79 -39.72
CA GLY A 58 36.94 -0.93 -39.15
C GLY A 58 36.47 -0.29 -37.85
N PRO A 59 37.33 0.55 -37.26
CA PRO A 59 36.95 1.23 -36.02
C PRO A 59 35.77 2.16 -36.22
N LEU A 60 34.99 2.33 -35.15
CA LEU A 60 33.83 3.20 -35.20
C LEU A 60 34.28 4.66 -35.35
N PRO A 61 33.44 5.52 -35.94
CA PRO A 61 33.81 6.92 -36.11
C PRO A 61 34.06 7.61 -34.77
N GLU A 62 35.03 8.52 -34.78
CA GLU A 62 35.40 9.22 -33.55
C GLU A 62 34.29 10.13 -33.05
N ALA A 63 33.48 10.68 -33.95
CA ALA A 63 32.38 11.55 -33.53
C ALA A 63 31.36 10.79 -32.69
N VAL A 64 31.05 9.55 -33.08
CA VAL A 64 30.10 8.75 -32.32
C VAL A 64 30.63 8.47 -30.92
N LEU A 65 31.92 8.12 -30.82
CA LEU A 65 32.52 7.87 -29.51
C LEU A 65 32.53 9.13 -28.65
N ALA A 66 32.84 10.28 -29.26
CA ALA A 66 32.81 11.53 -28.51
C ALA A 66 31.42 11.86 -28.01
N LEU A 67 30.40 11.65 -28.85
CA LEU A 67 29.02 11.89 -28.42
C LEU A 67 28.63 10.95 -27.29
N TYR A 68 29.01 9.67 -27.40
CA TYR A 68 28.70 8.71 -26.34
C TYR A 68 29.37 9.09 -25.03
N ASN A 69 30.64 9.51 -25.10
CA ASN A 69 31.34 9.94 -23.88
C ASN A 69 30.69 11.17 -23.29
N SER A 70 30.24 12.11 -24.13
CA SER A 70 29.61 13.32 -23.62
C SER A 70 28.28 13.00 -22.95
N THR A 71 27.49 12.08 -23.51
CA THR A 71 26.19 11.75 -22.97
C THR A 71 26.23 10.66 -21.92
N ARG A 72 27.40 10.08 -21.66
CA ARG A 72 27.52 8.98 -20.70
C ARG A 72 27.73 9.46 -19.28
N ASP A 73 28.55 10.50 -19.09
CA ASP A 73 28.86 10.97 -17.75
C ASP A 73 27.64 11.57 -17.06
N ARG A 74 27.64 11.50 -15.73
CA ARG A 74 26.52 12.01 -14.95
C ARG A 74 26.71 13.50 -14.66
N VAL A 75 25.59 14.20 -14.54
CA VAL A 75 25.62 15.63 -14.27
C VAL A 75 25.24 15.90 -12.81
N ALA A 88 7.89 10.93 -19.73
CA ALA A 88 8.89 10.22 -20.51
C ALA A 88 8.24 9.46 -21.67
N ASP A 89 8.87 9.50 -22.83
CA ASP A 89 8.35 8.81 -24.00
C ASP A 89 8.78 7.35 -23.99
N TYR A 90 7.81 6.45 -24.20
CA TYR A 90 8.11 5.03 -24.20
C TYR A 90 9.01 4.65 -25.38
N TYR A 91 8.78 5.27 -26.54
CA TYR A 91 9.55 4.94 -27.73
C TYR A 91 10.99 5.43 -27.59
N ALA A 92 11.89 4.79 -28.35
CA ALA A 92 13.28 5.18 -28.35
C ALA A 92 13.44 6.58 -28.94
N LYS A 93 14.31 7.38 -28.32
CA LYS A 93 14.49 8.78 -28.69
C LYS A 93 15.92 9.01 -29.16
N GLU A 94 16.07 9.64 -30.32
CA GLU A 94 17.37 9.91 -30.89
C GLU A 94 18.04 11.09 -30.20
N VAL A 95 19.35 10.98 -29.98
CA VAL A 95 20.14 12.02 -29.35
C VAL A 95 21.03 12.68 -30.40
N THR A 96 21.13 14.00 -30.35
CA THR A 96 21.90 14.77 -31.31
C THR A 96 22.72 15.82 -30.56
N ARG A 97 23.94 16.05 -31.02
CA ARG A 97 24.83 17.05 -30.45
C ARG A 97 25.09 18.14 -31.48
N VAL A 98 24.95 19.40 -31.05
CA VAL A 98 25.23 20.55 -31.90
C VAL A 98 26.51 21.21 -31.42
N LEU A 99 27.43 21.44 -32.35
CA LEU A 99 28.70 22.06 -32.00
C LEU A 99 28.52 23.55 -31.74
N MET A 100 29.25 24.05 -30.74
CA MET A 100 29.20 25.48 -30.42
C MET A 100 29.85 26.30 -31.52
N VAL A 101 29.30 27.50 -31.73
CA VAL A 101 29.88 28.41 -32.72
C VAL A 101 31.28 28.81 -32.29
N GLU A 102 32.18 28.94 -33.26
CA GLU A 102 33.58 29.27 -33.01
C GLU A 102 33.80 30.73 -32.64
N THR A 103 32.73 31.49 -32.37
CA THR A 103 32.82 32.90 -31.97
C THR A 103 33.59 33.72 -33.00
N HIS A 104 33.32 33.48 -34.28
CA HIS A 104 33.95 34.20 -35.38
C HIS A 104 32.85 34.57 -36.38
N ASN A 105 32.27 35.76 -36.21
CA ASN A 105 31.23 36.24 -37.11
C ASN A 105 31.18 37.76 -37.00
N GLU A 106 30.15 38.36 -37.61
CA GLU A 106 30.06 39.81 -37.69
C GLU A 106 29.79 40.42 -36.31
N ILE A 107 28.85 39.84 -35.55
CA ILE A 107 28.44 40.42 -34.27
C ILE A 107 29.37 40.06 -33.13
N TYR A 108 30.47 39.35 -33.40
CA TYR A 108 31.41 38.99 -32.34
C TYR A 108 32.07 40.23 -31.74
N ASP A 109 32.35 41.23 -32.57
CA ASP A 109 33.05 42.42 -32.08
C ASP A 109 32.21 43.21 -31.09
N LYS A 110 30.87 43.08 -31.15
CA LYS A 110 30.02 43.82 -30.24
C LYS A 110 30.25 43.40 -28.78
N PHE A 111 30.40 42.10 -28.55
CA PHE A 111 30.62 41.57 -27.21
C PHE A 111 32.12 41.33 -27.03
N LYS A 112 32.74 42.14 -26.17
CA LYS A 112 34.20 42.14 -25.99
C LYS A 112 34.63 41.39 -24.73
N GLN A 113 33.72 40.66 -24.09
CA GLN A 113 34.02 39.88 -22.88
C GLN A 113 34.57 40.78 -21.77
N SER A 114 33.76 41.76 -21.38
CA SER A 114 34.10 42.68 -20.31
C SER A 114 32.96 42.70 -19.31
N THR A 115 33.23 42.26 -18.09
CA THR A 115 32.25 42.18 -17.00
C THR A 115 31.03 41.34 -17.38
N HIS A 116 31.14 40.51 -18.41
CA HIS A 116 30.03 39.69 -18.87
C HIS A 116 30.60 38.52 -19.67
N SER A 117 30.27 37.30 -19.26
CA SER A 117 30.71 36.11 -19.97
C SER A 117 29.89 35.97 -21.25
N ILE A 118 30.54 36.20 -22.39
CA ILE A 118 29.82 36.25 -23.66
C ILE A 118 29.34 34.85 -24.06
N TYR A 119 28.17 34.81 -24.70
CA TYR A 119 27.64 33.59 -25.27
C TYR A 119 26.99 33.91 -26.60
N MET A 120 26.85 32.90 -27.45
CA MET A 120 26.39 33.08 -28.82
C MET A 120 25.27 32.10 -29.13
N PHE A 121 24.37 32.52 -30.02
CA PHE A 121 23.30 31.66 -30.49
C PHE A 121 23.82 30.73 -31.59
N PHE A 122 22.97 29.80 -31.99
CA PHE A 122 23.34 28.74 -32.92
C PHE A 122 22.75 29.02 -34.31
N ASN A 123 23.13 28.16 -35.26
CA ASN A 123 22.70 28.28 -36.64
C ASN A 123 21.33 27.61 -36.81
N THR A 124 20.34 28.38 -37.25
CA THR A 124 18.96 27.89 -37.29
C THR A 124 18.77 26.77 -38.31
N SER A 125 19.49 26.82 -39.43
CA SER A 125 19.30 25.81 -40.47
C SER A 125 19.65 24.42 -39.97
N GLU A 126 20.77 24.30 -39.25
CA GLU A 126 21.15 22.98 -38.73
C GLU A 126 20.28 22.53 -37.56
N LEU A 127 19.73 23.47 -36.76
CA LEU A 127 18.69 23.07 -35.81
C LEU A 127 17.48 22.48 -36.53
N ARG A 128 17.05 23.12 -37.62
CA ARG A 128 15.93 22.59 -38.38
C ARG A 128 16.25 21.23 -38.97
N GLU A 129 17.48 21.06 -39.47
CA GLU A 129 17.89 19.78 -40.03
C GLU A 129 17.89 18.68 -38.97
N ALA A 130 18.40 18.98 -37.77
CA ALA A 130 18.44 17.98 -36.71
C ALA A 130 17.03 17.64 -36.23
N VAL A 131 16.24 18.65 -35.93
CA VAL A 131 14.88 18.49 -35.41
C VAL A 131 13.91 19.01 -36.46
N PRO A 132 13.15 18.14 -37.15
CA PRO A 132 12.24 18.64 -38.19
C PRO A 132 11.07 19.44 -37.64
N GLU A 133 10.45 18.97 -36.56
CA GLU A 133 9.29 19.66 -35.99
C GLU A 133 9.47 19.82 -34.48
N PRO A 134 8.95 20.91 -33.93
CA PRO A 134 9.04 21.10 -32.46
C PRO A 134 8.31 20.03 -31.67
N VAL A 135 7.23 19.48 -32.21
CA VAL A 135 6.47 18.46 -31.48
C VAL A 135 7.30 17.21 -31.26
N LEU A 136 8.15 16.86 -32.23
CA LEU A 136 9.03 15.70 -32.08
C LEU A 136 10.04 15.93 -30.96
N LEU A 137 10.55 17.15 -30.83
CA LEU A 137 11.50 17.47 -29.77
C LEU A 137 10.83 17.40 -28.41
N SER A 138 11.58 16.90 -27.42
CA SER A 138 11.08 16.79 -26.06
C SER A 138 11.87 17.64 -25.07
N ARG A 139 13.19 17.49 -25.02
CA ARG A 139 14.00 18.23 -24.07
C ARG A 139 15.43 18.33 -24.57
N ALA A 140 16.17 19.27 -23.97
CA ALA A 140 17.54 19.55 -24.39
C ALA A 140 18.34 20.04 -23.18
N GLU A 141 19.66 19.90 -23.28
CA GLU A 141 20.56 20.36 -22.24
C GLU A 141 21.69 21.18 -22.86
N LEU A 142 22.22 22.12 -22.09
CA LEU A 142 23.31 22.99 -22.52
C LEU A 142 24.40 22.94 -21.46
N ARG A 143 25.65 22.86 -21.91
CA ARG A 143 26.78 22.63 -21.02
C ARG A 143 27.84 23.71 -21.21
N LEU A 144 28.56 23.99 -20.11
CA LEU A 144 29.61 25.01 -20.08
C LEU A 144 30.93 24.37 -19.66
N LEU A 145 31.94 25.22 -19.45
CA LEU A 145 33.21 24.83 -18.88
C LEU A 145 33.33 25.41 -17.47
N ARG A 146 33.98 24.66 -16.59
CA ARG A 146 33.96 24.97 -15.16
C ARG A 146 35.24 24.40 -14.54
N LEU A 147 36.25 25.26 -14.35
CA LEU A 147 37.60 24.81 -14.07
C LEU A 147 38.11 25.19 -12.69
N LYS A 148 38.12 26.49 -12.34
CA LYS A 148 38.89 26.95 -11.20
C LYS A 148 38.12 26.85 -9.88
N LEU A 149 37.00 27.58 -9.77
CA LEU A 149 36.09 27.48 -8.64
C LEU A 149 36.77 27.86 -7.32
N LYS A 150 37.49 28.98 -7.34
CA LYS A 150 38.18 29.43 -6.13
C LYS A 150 37.21 30.02 -5.12
N VAL A 151 36.20 30.74 -5.59
CA VAL A 151 35.27 31.46 -4.73
C VAL A 151 33.86 30.94 -4.97
N GLU A 152 33.09 30.79 -3.88
CA GLU A 152 31.69 30.38 -3.98
C GLU A 152 30.91 31.39 -4.82
N GLN A 153 30.42 30.96 -5.98
CA GLN A 153 29.71 31.83 -6.90
C GLN A 153 28.40 31.16 -7.32
N HIS A 154 27.71 31.82 -8.25
CA HIS A 154 26.42 31.36 -8.75
C HIS A 154 26.28 31.75 -10.22
N VAL A 155 25.75 30.84 -11.02
CA VAL A 155 25.78 30.93 -12.48
C VAL A 155 24.38 31.22 -13.00
N GLU A 156 24.22 32.36 -13.65
CA GLU A 156 22.91 32.84 -14.10
C GLU A 156 22.57 32.30 -15.49
N LEU A 157 21.31 31.90 -15.66
CA LEU A 157 20.76 31.52 -16.96
C LEU A 157 19.99 32.70 -17.53
N TYR A 158 20.31 33.06 -18.77
CA TYR A 158 19.60 34.13 -19.48
C TYR A 158 19.08 33.62 -20.80
N GLN A 159 18.06 34.31 -21.31
CA GLN A 159 17.43 33.95 -22.59
C GLN A 159 17.40 35.17 -23.50
N LYS A 160 17.75 34.96 -24.76
CA LYS A 160 17.87 36.05 -25.73
C LYS A 160 16.56 36.19 -26.49
N TYR A 161 15.56 36.77 -25.80
CA TYR A 161 14.31 37.11 -26.48
C TYR A 161 14.48 38.33 -27.38
N SER A 162 15.21 39.34 -26.91
CA SER A 162 15.44 40.56 -27.66
C SER A 162 16.90 40.94 -27.54
N ASN A 163 17.38 41.70 -28.54
CA ASN A 163 18.76 42.14 -28.55
C ASN A 163 19.05 43.19 -27.48
N ASN A 164 18.03 43.89 -27.00
CA ASN A 164 18.20 44.94 -26.01
C ASN A 164 17.83 44.53 -24.60
N SER A 165 16.88 43.61 -24.44
CA SER A 165 16.41 43.19 -23.13
C SER A 165 16.35 41.67 -23.07
N TRP A 166 16.49 41.13 -21.86
CA TRP A 166 16.46 39.69 -21.63
C TRP A 166 15.63 39.42 -20.38
N ARG A 167 15.41 38.13 -20.10
CA ARG A 167 14.60 37.70 -18.97
C ARG A 167 15.40 36.72 -18.12
N TYR A 168 14.80 36.29 -17.01
CA TYR A 168 15.42 35.37 -16.06
C TYR A 168 14.61 34.10 -16.02
N LEU A 169 15.30 32.95 -16.06
CA LEU A 169 14.64 31.65 -16.04
C LEU A 169 14.96 30.86 -14.78
N SER A 170 16.25 30.63 -14.48
CA SER A 170 16.65 29.85 -13.33
C SER A 170 18.09 30.16 -13.00
N ASN A 171 18.52 29.71 -11.82
CA ASN A 171 19.88 29.89 -11.36
C ASN A 171 20.44 28.58 -10.81
N ARG A 172 21.75 28.42 -10.93
CA ARG A 172 22.44 27.21 -10.50
C ARG A 172 23.63 27.59 -9.63
N LEU A 173 23.82 26.83 -8.56
CA LEU A 173 24.93 27.02 -7.63
C LEU A 173 25.94 25.90 -7.79
N LEU A 174 27.22 26.26 -7.83
CA LEU A 174 28.30 25.31 -8.06
C LEU A 174 29.17 25.19 -6.82
N ALA A 175 29.56 23.95 -6.51
CA ALA A 175 30.43 23.55 -5.40
C ALA A 175 31.85 23.34 -5.90
N PRO A 176 32.85 23.72 -5.10
CA PRO A 176 34.24 23.65 -5.59
C PRO A 176 34.66 22.23 -5.92
N SER A 177 35.43 22.10 -7.00
CA SER A 177 35.93 20.81 -7.46
C SER A 177 37.05 21.01 -8.47
N ASP A 178 38.16 20.28 -8.29
CA ASP A 178 39.29 20.43 -9.21
C ASP A 178 38.97 19.80 -10.57
N SER A 179 38.39 18.61 -10.57
CA SER A 179 38.07 17.94 -11.83
C SER A 179 36.83 18.57 -12.45
N PRO A 180 36.91 19.10 -13.67
CA PRO A 180 35.72 19.67 -14.31
C PRO A 180 34.65 18.61 -14.56
N GLU A 181 33.39 19.01 -14.35
CA GLU A 181 32.25 18.17 -14.64
C GLU A 181 31.20 18.98 -15.37
N TRP A 182 30.62 18.39 -16.40
CA TRP A 182 29.62 19.08 -17.20
C TRP A 182 28.30 19.19 -16.44
N LEU A 183 27.62 20.33 -16.64
CA LEU A 183 26.34 20.60 -16.00
C LEU A 183 25.29 20.88 -17.07
N SER A 184 24.05 20.51 -16.77
CA SER A 184 22.94 20.69 -17.69
C SER A 184 22.18 21.97 -17.35
N PHE A 185 21.08 22.20 -18.07
CA PHE A 185 20.26 23.38 -17.86
C PHE A 185 18.81 23.02 -18.19
N ASP A 186 17.97 24.04 -18.34
CA ASP A 186 16.52 23.87 -18.52
C ASP A 186 16.05 24.59 -19.76
N VAL A 187 16.75 24.40 -20.88
CA VAL A 187 16.35 25.00 -22.15
C VAL A 187 15.19 24.27 -22.81
N THR A 188 14.64 23.24 -22.16
CA THR A 188 13.54 22.48 -22.75
C THR A 188 12.29 23.32 -22.95
N GLY A 189 12.10 24.34 -22.12
CA GLY A 189 10.93 25.19 -22.26
C GLY A 189 11.08 26.32 -23.26
N VAL A 190 12.29 26.56 -23.76
CA VAL A 190 12.53 27.67 -24.67
C VAL A 190 12.95 27.20 -26.06
N VAL A 191 13.60 26.04 -26.19
CA VAL A 191 14.01 25.58 -27.52
C VAL A 191 12.85 25.09 -28.36
N ARG A 192 11.70 24.82 -27.74
CA ARG A 192 10.55 24.33 -28.50
C ARG A 192 10.03 25.36 -29.48
N GLN A 193 9.95 26.63 -29.07
CA GLN A 193 9.42 27.69 -29.90
C GLN A 193 10.49 28.42 -30.70
N TRP A 194 11.74 27.97 -30.64
CA TRP A 194 12.84 28.61 -31.36
C TRP A 194 12.82 28.17 -32.82
N LEU A 195 11.81 28.68 -33.54
CA LEU A 195 11.64 28.42 -34.97
C LEU A 195 11.51 29.78 -35.67
N SER A 196 12.64 30.36 -36.04
CA SER A 196 12.65 31.67 -36.69
C SER A 196 13.72 31.73 -37.77
N PHE A 204 21.29 33.34 -25.78
CA PHE A 204 21.69 33.12 -24.40
C PHE A 204 22.91 33.95 -24.05
N ARG A 205 23.05 34.29 -22.77
CA ARG A 205 24.21 35.02 -22.27
C ARG A 205 24.64 34.41 -20.95
N LEU A 206 25.66 35.01 -20.33
CA LEU A 206 26.13 34.58 -19.02
C LEU A 206 26.68 35.79 -18.29
N SER A 207 26.08 36.11 -17.15
CA SER A 207 26.44 37.31 -16.40
C SER A 207 26.54 36.94 -14.92
N ALA A 208 26.68 37.96 -14.08
CA ALA A 208 26.79 37.79 -12.64
C ALA A 208 25.89 38.79 -11.95
N HIS A 209 25.46 38.45 -10.73
CA HIS A 209 24.58 39.31 -9.97
C HIS A 209 25.30 40.58 -9.56
N CYS A 210 24.65 41.73 -9.76
CA CYS A 210 25.17 43.03 -9.37
C CYS A 210 24.33 43.60 -8.25
N SER A 211 24.99 44.13 -7.22
CA SER A 211 24.32 44.67 -6.05
C SER A 211 24.13 46.18 -6.22
N CYS A 212 22.90 46.64 -6.05
CA CYS A 212 22.59 48.06 -6.16
C CYS A 212 22.83 48.82 -4.85
N ASP A 213 23.09 48.12 -3.75
CA ASP A 213 23.32 48.77 -2.47
C ASP A 213 24.71 48.45 -1.94
N ASN A 241 36.72 20.63 -24.28
CA ASN A 241 35.76 20.52 -25.38
C ASN A 241 34.93 21.79 -25.48
N ARG A 242 34.40 22.03 -26.68
CA ARG A 242 33.59 23.22 -26.92
C ARG A 242 32.25 23.10 -26.18
N PRO A 243 31.68 24.23 -25.75
CA PRO A 243 30.41 24.17 -25.01
C PRO A 243 29.23 23.83 -25.91
N PHE A 244 29.07 22.54 -26.23
CA PHE A 244 28.01 22.08 -27.10
C PHE A 244 26.67 22.07 -26.35
N LEU A 245 25.59 21.93 -27.12
CA LEU A 245 24.25 21.80 -26.58
C LEU A 245 23.69 20.47 -27.06
N LEU A 246 23.05 19.73 -26.16
CA LEU A 246 22.58 18.38 -26.45
C LEU A 246 21.12 18.40 -26.90
N LEU A 247 20.81 17.67 -27.97
CA LEU A 247 19.47 17.56 -28.50
C LEU A 247 19.04 16.10 -28.46
N MET A 248 18.02 15.79 -27.66
CA MET A 248 17.39 14.47 -27.70
C MET A 248 16.06 14.60 -28.44
N ALA A 249 16.14 14.59 -29.76
CA ALA A 249 14.97 14.73 -30.61
C ALA A 249 14.33 13.36 -30.83
N THR A 250 13.44 13.27 -31.82
CA THR A 250 12.73 12.04 -32.12
C THR A 250 12.89 11.75 -33.61
N PRO A 251 13.22 10.52 -33.99
CA PRO A 251 13.34 10.18 -35.41
C PRO A 251 11.99 10.29 -36.12
N LEU A 252 12.04 10.66 -37.40
CA LEU A 252 10.82 10.86 -38.17
C LEU A 252 10.11 9.54 -38.46
N GLU A 253 10.88 8.44 -38.56
CA GLU A 253 10.28 7.15 -38.85
C GLU A 253 9.36 6.69 -37.72
N ARG A 254 9.76 6.93 -36.47
CA ARG A 254 8.98 6.54 -35.30
C ARG A 254 8.03 7.63 -34.84
N ALA A 255 7.61 8.53 -35.74
CA ALA A 255 6.69 9.61 -35.39
C ALA A 255 5.28 9.21 -35.78
N GLN A 256 4.34 9.38 -34.85
CA GLN A 256 2.95 9.03 -35.10
C GLN A 256 2.29 10.03 -36.03
N LEU A 267 -1.91 12.06 -14.72
CA LEU A 267 -3.21 11.78 -15.33
C LEU A 267 -4.34 11.97 -14.33
N ASP A 268 -5.22 12.92 -14.63
CA ASP A 268 -6.36 13.18 -13.76
C ASP A 268 -7.32 12.00 -13.75
N THR A 269 -7.93 11.76 -12.59
CA THR A 269 -8.75 10.57 -12.40
C THR A 269 -10.13 10.69 -13.06
N ASN A 270 -10.66 11.92 -13.17
CA ASN A 270 -11.96 12.10 -13.81
C ASN A 270 -11.95 11.69 -15.27
N TYR A 271 -10.77 11.70 -15.91
CA TYR A 271 -10.69 11.32 -17.32
C TYR A 271 -11.15 9.88 -17.53
N CYS A 272 -10.69 8.95 -16.69
CA CYS A 272 -11.13 7.58 -16.77
C CYS A 272 -12.32 7.29 -15.84
N PHE A 273 -12.74 8.25 -15.02
CA PHE A 273 -14.06 8.13 -14.40
C PHE A 273 -15.17 8.33 -15.42
N SER A 274 -15.02 9.32 -16.31
CA SER A 274 -16.06 9.60 -17.30
C SER A 274 -16.23 8.45 -18.27
N SER A 275 -15.12 7.87 -18.75
CA SER A 275 -15.15 6.76 -19.69
C SER A 275 -14.61 5.52 -19.02
N THR A 276 -15.41 4.46 -18.97
CA THR A 276 -15.00 3.21 -18.36
C THR A 276 -14.03 2.47 -19.29
N GLU A 277 -12.91 2.02 -18.73
CA GLU A 277 -11.89 1.31 -19.48
C GLU A 277 -11.43 0.10 -18.69
N LYS A 278 -11.10 -0.97 -19.41
CA LYS A 278 -10.61 -2.19 -18.79
C LYS A 278 -9.11 -2.16 -18.50
N ASN A 279 -8.42 -1.09 -18.89
CA ASN A 279 -7.01 -0.95 -18.61
C ASN A 279 -6.80 -0.53 -17.15
N CYS A 280 -5.54 -0.30 -16.78
CA CYS A 280 -5.19 0.06 -15.41
C CYS A 280 -5.31 1.57 -15.24
N CYS A 281 -6.37 2.00 -14.55
CA CYS A 281 -6.54 3.40 -14.20
C CYS A 281 -7.09 3.46 -12.78
N VAL A 282 -7.60 4.63 -12.39
CA VAL A 282 -8.10 4.87 -11.05
C VAL A 282 -9.62 4.65 -11.05
N ARG A 283 -10.11 3.90 -10.06
CA ARG A 283 -11.53 3.67 -9.89
C ARG A 283 -12.02 4.39 -8.63
N GLN A 284 -13.30 4.73 -8.63
CA GLN A 284 -13.86 5.55 -7.56
C GLN A 284 -13.96 4.76 -6.26
N LEU A 285 -13.69 5.45 -5.14
CA LEU A 285 -13.86 4.87 -3.81
C LEU A 285 -14.06 6.02 -2.83
N TYR A 286 -14.89 5.78 -1.82
CA TYR A 286 -15.18 6.75 -0.78
C TYR A 286 -14.91 6.14 0.59
N ILE A 287 -14.28 6.93 1.46
CA ILE A 287 -13.98 6.52 2.83
C ILE A 287 -14.54 7.58 3.78
N ASP A 288 -15.32 7.14 4.76
CA ASP A 288 -15.87 8.00 5.80
C ASP A 288 -15.58 7.38 7.16
N PHE A 289 -15.20 8.22 8.12
CA PHE A 289 -14.89 7.73 9.46
C PHE A 289 -16.15 7.62 10.31
N ARG A 290 -17.16 6.91 9.79
CA ARG A 290 -18.39 6.65 10.56
C ARG A 290 -18.57 5.16 10.82
N LYS A 291 -18.67 4.34 9.77
CA LYS A 291 -18.79 2.89 9.94
C LYS A 291 -17.93 2.07 9.00
N ASP A 292 -17.38 2.65 7.93
CA ASP A 292 -16.52 1.88 7.04
C ASP A 292 -15.24 1.45 7.75
N LEU A 293 -14.68 2.33 8.59
CA LEU A 293 -13.44 2.05 9.30
C LEU A 293 -13.65 1.73 10.77
N GLY A 294 -14.72 2.24 11.38
CA GLY A 294 -15.12 1.80 12.70
C GLY A 294 -14.71 2.69 13.86
N TRP A 295 -14.05 3.81 13.61
CA TRP A 295 -13.67 4.72 14.68
C TRP A 295 -14.19 6.13 14.41
N LYS A 296 -13.98 7.00 15.40
CA LYS A 296 -14.44 8.38 15.28
C LYS A 296 -13.50 9.44 15.84
N TRP A 297 -12.27 9.11 16.27
CA TRP A 297 -11.52 10.20 16.87
C TRP A 297 -10.94 11.17 15.83
N ILE A 298 -10.98 10.81 14.55
CA ILE A 298 -10.55 11.73 13.49
C ILE A 298 -11.70 12.68 13.22
N HIS A 299 -11.50 13.95 13.55
CA HIS A 299 -12.56 14.95 13.42
C HIS A 299 -12.51 15.71 12.10
N GLU A 300 -11.34 15.84 11.48
CA GLU A 300 -11.22 16.59 10.25
C GLU A 300 -10.09 15.99 9.41
N PRO A 301 -10.33 15.69 8.13
CA PRO A 301 -11.63 15.86 7.46
C PRO A 301 -12.56 14.67 7.68
N LYS A 302 -13.87 14.94 7.68
CA LYS A 302 -14.85 13.86 7.83
C LYS A 302 -14.83 12.93 6.62
N GLY A 303 -14.76 13.50 5.41
CA GLY A 303 -14.82 12.70 4.21
C GLY A 303 -13.87 13.14 3.11
N TYR A 304 -13.17 12.17 2.51
CA TYR A 304 -12.29 12.44 1.38
C TYR A 304 -12.24 11.19 0.51
N HIS A 305 -11.84 11.38 -0.74
CA HIS A 305 -11.82 10.31 -1.73
C HIS A 305 -10.45 9.62 -1.69
N ALA A 306 -10.37 8.50 -0.98
CA ALA A 306 -9.16 7.68 -0.94
C ALA A 306 -9.26 6.62 -2.02
N ASN A 307 -9.04 7.05 -3.26
CA ASN A 307 -9.21 6.20 -4.42
C ASN A 307 -8.08 5.16 -4.52
N PHE A 308 -8.29 4.19 -5.40
CA PHE A 308 -7.35 3.11 -5.65
C PHE A 308 -7.13 2.96 -7.15
N CYS A 309 -6.27 2.01 -7.52
CA CYS A 309 -6.07 1.67 -8.93
C CYS A 309 -5.92 0.16 -9.07
N LEU A 310 -6.56 -0.39 -10.10
CA LEU A 310 -6.50 -1.82 -10.37
C LEU A 310 -6.90 -2.07 -11.82
N GLY A 311 -6.23 -3.03 -12.44
CA GLY A 311 -6.52 -3.36 -13.82
C GLY A 311 -5.62 -4.45 -14.36
N PRO A 312 -6.18 -5.35 -15.17
CA PRO A 312 -5.37 -6.42 -15.78
C PRO A 312 -4.49 -5.90 -16.90
N CYS A 313 -3.33 -5.37 -16.54
CA CYS A 313 -2.43 -4.77 -17.53
C CYS A 313 -1.83 -5.83 -18.42
N PRO A 314 -2.00 -5.75 -19.75
CA PRO A 314 -1.44 -6.75 -20.66
C PRO A 314 -0.07 -6.33 -21.17
N TYR A 315 0.55 -7.26 -21.90
CA TYR A 315 1.85 -7.00 -22.49
C TYR A 315 1.72 -6.04 -23.66
N ILE A 316 2.65 -5.08 -23.74
CA ILE A 316 2.53 -4.01 -24.73
C ILE A 316 2.79 -4.54 -26.14
N TRP A 317 3.78 -5.43 -26.30
CA TRP A 317 4.12 -5.90 -27.65
C TRP A 317 3.14 -6.93 -28.17
N SER A 318 2.57 -7.75 -27.29
CA SER A 318 1.61 -8.76 -27.73
C SER A 318 0.33 -8.12 -28.26
N LEU A 319 -0.17 -7.09 -27.56
CA LEU A 319 -1.44 -6.49 -27.97
C LEU A 319 -1.26 -5.60 -29.20
N ASP A 320 -0.18 -4.82 -29.24
CA ASP A 320 0.11 -3.92 -30.35
C ASP A 320 -1.05 -2.96 -30.62
N THR A 321 -1.46 -2.25 -29.57
CA THR A 321 -2.56 -1.30 -29.70
C THR A 321 -2.17 -0.11 -30.57
N GLN A 322 -1.01 0.49 -30.29
CA GLN A 322 -0.52 1.67 -31.00
C GLN A 322 -1.53 2.81 -30.96
N TYR A 323 -1.83 3.24 -29.73
CA TYR A 323 -2.72 4.38 -29.49
C TYR A 323 -2.01 5.40 -28.62
N SER A 324 -2.27 6.69 -28.89
CA SER A 324 -1.61 7.74 -28.13
C SER A 324 -2.00 7.72 -26.66
N LYS A 325 -3.29 7.50 -26.38
CA LYS A 325 -3.74 7.47 -24.99
C LYS A 325 -3.23 6.23 -24.26
N VAL A 326 -3.21 5.09 -24.95
CA VAL A 326 -2.77 3.84 -24.31
C VAL A 326 -1.28 3.89 -24.00
N LEU A 327 -0.47 4.40 -24.93
CA LEU A 327 0.98 4.40 -24.76
C LEU A 327 1.46 5.38 -23.69
N ALA A 328 0.59 6.26 -23.20
CA ALA A 328 1.00 7.22 -22.18
C ALA A 328 0.98 6.64 -20.77
N LEU A 329 0.43 5.45 -20.59
CA LEU A 329 0.35 4.81 -19.28
C LEU A 329 1.40 3.72 -19.09
N TYR A 330 2.36 3.61 -19.99
CA TYR A 330 3.41 2.60 -19.91
C TYR A 330 4.79 3.21 -19.69
N ASN A 331 4.86 4.28 -18.91
CA ASN A 331 6.13 4.91 -18.60
C ASN A 331 6.89 4.21 -17.48
N GLN A 332 6.26 3.28 -16.77
CA GLN A 332 6.90 2.53 -15.70
C GLN A 332 6.86 1.02 -15.96
N HIS A 333 6.37 0.58 -17.11
CA HIS A 333 6.24 -0.83 -17.40
C HIS A 333 7.62 -1.45 -17.58
N ASN A 334 7.87 -2.56 -16.86
CA ASN A 334 9.13 -3.27 -16.94
C ASN A 334 8.96 -4.70 -16.42
N PRO A 335 8.41 -5.60 -17.24
CA PRO A 335 8.21 -6.98 -16.77
C PRO A 335 9.50 -7.69 -16.39
N GLY A 336 10.61 -7.41 -17.07
CA GLY A 336 11.85 -8.12 -16.78
C GLY A 336 12.38 -7.80 -15.40
N ALA A 337 12.41 -6.53 -15.03
CA ALA A 337 12.93 -6.14 -13.72
C ALA A 337 11.94 -6.47 -12.61
N SER A 338 10.65 -6.20 -12.84
CA SER A 338 9.65 -6.42 -11.80
C SER A 338 9.31 -7.90 -11.61
N ALA A 339 9.50 -8.71 -12.65
CA ALA A 339 9.21 -10.14 -12.70
C ALA A 339 7.72 -10.44 -12.61
N ALA A 340 6.87 -9.43 -12.49
CA ALA A 340 5.42 -9.61 -12.44
C ALA A 340 4.71 -8.32 -12.83
N PRO A 341 3.85 -8.34 -13.84
CA PRO A 341 3.11 -7.12 -14.22
C PRO A 341 2.17 -6.69 -13.11
N CYS A 342 2.33 -5.45 -12.66
CA CYS A 342 1.52 -4.90 -11.59
C CYS A 342 1.33 -3.40 -11.81
N CYS A 343 0.38 -2.83 -11.09
CA CYS A 343 0.11 -1.39 -11.12
C CYS A 343 0.65 -0.77 -9.83
N VAL A 344 1.42 0.29 -9.99
CA VAL A 344 2.03 0.99 -8.85
C VAL A 344 1.87 2.49 -9.02
N PRO A 345 1.41 3.21 -8.01
CA PRO A 345 1.31 4.67 -8.13
C PRO A 345 2.67 5.34 -8.18
N GLN A 346 2.71 6.50 -8.83
CA GLN A 346 3.93 7.26 -9.01
C GLN A 346 3.87 8.67 -8.43
N ALA A 347 2.70 9.31 -8.40
CA ALA A 347 2.55 10.65 -7.84
C ALA A 347 1.34 10.68 -6.94
N LEU A 348 1.50 11.18 -5.72
CA LEU A 348 0.43 11.25 -4.74
C LEU A 348 0.34 12.67 -4.19
N GLU A 349 -0.61 12.87 -3.27
CA GLU A 349 -0.82 14.16 -2.65
C GLU A 349 -0.87 14.01 -1.14
N PRO A 350 -0.49 15.05 -0.41
CA PRO A 350 -0.50 14.98 1.06
C PRO A 350 -1.91 15.08 1.62
N LEU A 351 -2.01 14.80 2.92
CA LEU A 351 -3.30 14.83 3.61
C LEU A 351 -3.09 15.15 5.09
N PRO A 352 -3.63 16.28 5.58
CA PRO A 352 -3.53 16.58 7.01
C PRO A 352 -4.56 15.80 7.82
N ILE A 353 -4.14 15.37 9.01
CA ILE A 353 -4.98 14.58 9.91
C ILE A 353 -5.06 15.29 11.25
N VAL A 354 -6.28 15.44 11.76
CA VAL A 354 -6.53 16.12 13.03
C VAL A 354 -7.11 15.12 14.02
N TYR A 355 -6.51 15.05 15.20
CA TYR A 355 -6.99 14.17 16.26
C TYR A 355 -6.68 14.79 17.61
N TYR A 356 -7.40 14.33 18.63
CA TYR A 356 -7.33 14.91 19.96
C TYR A 356 -6.62 13.95 20.91
N VAL A 357 -5.55 14.43 21.55
CA VAL A 357 -4.86 13.67 22.59
C VAL A 357 -4.04 14.66 23.41
N GLY A 358 -3.98 14.43 24.72
CA GLY A 358 -3.22 15.28 25.60
C GLY A 358 -3.91 16.59 25.90
N ARG A 359 -3.16 17.48 26.54
CA ARG A 359 -3.69 18.80 26.89
C ARG A 359 -4.03 19.61 25.65
N LYS A 360 -3.03 19.89 24.81
CA LYS A 360 -3.22 20.68 23.61
C LYS A 360 -3.21 19.77 22.40
N PRO A 361 -4.31 19.63 21.66
CA PRO A 361 -4.31 18.78 20.48
C PRO A 361 -3.36 19.31 19.41
N LYS A 362 -2.77 18.39 18.66
CA LYS A 362 -1.84 18.70 17.59
C LYS A 362 -2.33 18.10 16.28
N VAL A 363 -1.91 18.71 15.17
CA VAL A 363 -2.29 18.27 13.84
C VAL A 363 -1.06 17.69 13.15
N GLU A 364 -1.25 16.56 12.48
CA GLU A 364 -0.19 15.91 11.72
C GLU A 364 -0.40 16.15 10.23
N GLN A 365 0.72 16.23 9.50
CA GLN A 365 0.70 16.48 8.06
C GLN A 365 1.24 15.22 7.40
N LEU A 366 0.33 14.40 6.86
CA LEU A 366 0.68 13.14 6.23
C LEU A 366 0.80 13.35 4.73
N SER A 367 1.97 13.04 4.17
CA SER A 367 2.21 13.13 2.74
C SER A 367 2.28 11.74 2.12
N ASN A 368 2.07 11.69 0.81
CA ASN A 368 2.11 10.44 0.05
C ASN A 368 1.02 9.47 0.50
N MET A 369 -0.21 9.98 0.55
CA MET A 369 -1.38 9.22 1.02
C MET A 369 -2.34 8.86 -0.11
N ILE A 370 -2.86 9.85 -0.84
CA ILE A 370 -3.90 9.63 -1.84
C ILE A 370 -3.25 9.51 -3.21
N VAL A 371 -3.50 8.39 -3.88
CA VAL A 371 -2.99 8.17 -5.22
C VAL A 371 -3.78 9.01 -6.22
N ARG A 372 -3.07 9.62 -7.16
CA ARG A 372 -3.68 10.42 -8.22
C ARG A 372 -3.52 9.79 -9.59
N SER A 373 -2.29 9.41 -9.96
CA SER A 373 -2.00 8.78 -11.24
C SER A 373 -1.33 7.44 -10.98
N CYS A 374 -1.88 6.39 -11.58
CA CYS A 374 -1.39 5.04 -11.40
C CYS A 374 -1.17 4.41 -12.78
N LYS A 375 0.04 3.90 -13.03
CA LYS A 375 0.35 3.24 -14.29
C LYS A 375 0.76 1.80 -14.01
N CYS A 376 1.12 1.10 -15.09
CA CYS A 376 1.56 -0.28 -15.02
C CYS A 376 3.02 -0.36 -14.57
N SER A 377 3.51 -1.58 -14.39
CA SER A 377 4.90 -1.80 -14.03
C SER A 377 5.36 -3.18 -14.49
N CYS B 20 -23.18 -9.62 -11.70
CA CYS B 20 -22.16 -10.16 -10.81
C CYS B 20 -20.92 -9.27 -10.80
N LYS B 21 -21.04 -8.08 -11.40
CA LYS B 21 -19.94 -7.14 -11.46
C LYS B 21 -19.82 -6.30 -10.20
N THR B 22 -20.77 -6.40 -9.27
CA THR B 22 -20.75 -5.61 -8.04
C THR B 22 -20.13 -6.36 -6.87
N ILE B 23 -19.64 -7.57 -7.08
CA ILE B 23 -19.04 -8.35 -6.00
C ILE B 23 -17.54 -8.09 -5.89
N ASP B 24 -16.82 -8.20 -7.01
CA ASP B 24 -15.39 -7.92 -7.01
C ASP B 24 -15.12 -6.46 -6.67
N MET B 25 -15.99 -5.55 -7.12
CA MET B 25 -15.83 -4.14 -6.79
C MET B 25 -15.92 -3.91 -5.29
N GLU B 26 -16.92 -4.52 -4.65
CA GLU B 26 -17.06 -4.38 -3.20
C GLU B 26 -15.91 -5.05 -2.46
N LEU B 27 -15.42 -6.17 -3.00
CA LEU B 27 -14.25 -6.82 -2.41
C LEU B 27 -13.04 -5.89 -2.44
N VAL B 28 -12.82 -5.21 -3.56
CA VAL B 28 -11.70 -4.27 -3.65
C VAL B 28 -11.93 -3.08 -2.72
N LYS B 29 -13.18 -2.62 -2.61
CA LYS B 29 -13.48 -1.52 -1.70
C LYS B 29 -13.11 -1.89 -0.26
N ARG B 30 -13.54 -3.06 0.19
CA ARG B 30 -13.25 -3.46 1.57
C ARG B 30 -11.77 -3.75 1.77
N LYS B 31 -11.10 -4.31 0.76
CA LYS B 31 -9.66 -4.51 0.87
C LYS B 31 -8.92 -3.19 1.00
N ARG B 32 -9.32 -2.18 0.20
CA ARG B 32 -8.66 -0.89 0.27
C ARG B 32 -8.92 -0.18 1.59
N ILE B 33 -10.16 -0.24 2.09
CA ILE B 33 -10.43 0.42 3.37
C ILE B 33 -9.70 -0.30 4.50
N GLU B 34 -9.58 -1.63 4.42
CA GLU B 34 -8.79 -2.37 5.40
C GLU B 34 -7.33 -1.96 5.35
N ALA B 35 -6.80 -1.77 4.13
CA ALA B 35 -5.41 -1.33 3.99
C ALA B 35 -5.21 0.06 4.58
N ILE B 36 -6.14 0.98 4.34
CA ILE B 36 -6.04 2.32 4.91
C ILE B 36 -6.13 2.26 6.43
N ARG B 37 -7.02 1.42 6.96
CA ARG B 37 -7.14 1.27 8.40
C ARG B 37 -5.84 0.76 9.02
N GLY B 38 -5.25 -0.27 8.41
CA GLY B 38 -3.98 -0.77 8.90
C GLY B 38 -2.87 0.26 8.80
N GLN B 39 -2.85 1.02 7.71
CA GLN B 39 -1.84 2.05 7.53
C GLN B 39 -1.94 3.11 8.63
N ILE B 40 -3.16 3.55 8.94
CA ILE B 40 -3.32 4.55 10.00
C ILE B 40 -2.97 3.96 11.36
N LEU B 41 -3.43 2.73 11.64
CA LEU B 41 -3.17 2.12 12.93
C LEU B 41 -1.67 1.90 13.18
N SER B 42 -0.91 1.64 12.12
CA SER B 42 0.53 1.64 12.24
C SER B 42 1.11 3.05 12.21
N LYS B 43 0.37 4.00 11.65
CA LYS B 43 0.91 5.34 11.43
C LYS B 43 0.99 6.12 12.74
N LEU B 44 -0.03 6.02 13.58
CA LEU B 44 0.05 6.76 14.84
C LEU B 44 1.07 6.17 15.80
N ARG B 45 1.53 4.94 15.55
CA ARG B 45 2.60 4.30 16.32
C ARG B 45 2.23 4.14 17.79
N LEU B 46 0.94 3.99 18.08
CA LEU B 46 0.45 3.80 19.43
C LEU B 46 -0.80 2.93 19.38
N ALA B 47 -1.35 2.64 20.56
CA ALA B 47 -2.58 1.87 20.64
C ALA B 47 -3.76 2.73 20.20
N SER B 48 -4.96 2.15 20.26
CA SER B 48 -6.16 2.88 19.88
C SER B 48 -6.45 3.97 20.90
N PRO B 49 -6.47 5.24 20.50
CA PRO B 49 -6.70 6.32 21.46
C PRO B 49 -8.19 6.46 21.78
N PRO B 50 -8.53 6.98 22.95
CA PRO B 50 -9.95 7.19 23.29
C PRO B 50 -10.50 8.41 22.57
N SER B 51 -11.54 8.19 21.75
CA SER B 51 -12.13 9.29 21.01
C SER B 51 -12.77 10.31 21.94
N GLN B 52 -13.47 9.85 22.98
CA GLN B 52 -14.11 10.78 23.91
C GLN B 52 -13.09 11.44 24.81
N GLY B 53 -12.38 10.67 25.60
CA GLY B 53 -11.39 11.23 26.52
C GLY B 53 -12.05 12.17 27.52
N GLU B 54 -11.46 13.35 27.67
CA GLU B 54 -12.01 14.38 28.55
C GLU B 54 -12.13 15.75 27.88
N VAL B 55 -11.73 15.87 26.62
CA VAL B 55 -11.80 17.14 25.90
C VAL B 55 -13.26 17.50 25.66
N PRO B 56 -13.63 18.79 25.68
CA PRO B 56 -15.02 19.15 25.44
C PRO B 56 -15.40 18.92 23.99
N PRO B 57 -16.68 18.61 23.72
CA PRO B 57 -17.12 18.43 22.34
C PRO B 57 -17.53 19.74 21.68
N GLY B 58 -17.10 20.86 22.26
CA GLY B 58 -17.52 22.16 21.80
C GLY B 58 -16.93 22.57 20.47
N PRO B 59 -17.19 23.80 20.04
CA PRO B 59 -16.73 24.27 18.73
C PRO B 59 -15.21 24.28 18.65
N LEU B 60 -14.72 24.09 17.42
CA LEU B 60 -13.27 24.07 17.20
C LEU B 60 -12.67 25.43 17.50
N PRO B 61 -11.52 25.48 18.17
CA PRO B 61 -10.87 26.77 18.43
C PRO B 61 -10.30 27.38 17.16
N GLU B 62 -9.97 28.67 17.26
CA GLU B 62 -9.46 29.41 16.10
C GLU B 62 -8.11 28.86 15.64
N ALA B 63 -7.28 28.41 16.58
CA ALA B 63 -5.93 27.96 16.21
C ALA B 63 -5.98 26.74 15.30
N VAL B 64 -6.84 25.76 15.61
CA VAL B 64 -6.86 24.52 14.83
C VAL B 64 -7.40 24.78 13.43
N LEU B 65 -8.46 25.58 13.32
CA LEU B 65 -8.98 25.91 11.99
C LEU B 65 -7.99 26.75 11.20
N ALA B 66 -7.24 27.63 11.86
CA ALA B 66 -6.19 28.38 11.18
C ALA B 66 -5.11 27.44 10.66
N LEU B 67 -4.72 26.44 11.46
CA LEU B 67 -3.75 25.46 10.99
C LEU B 67 -4.27 24.68 9.79
N TYR B 68 -5.53 24.28 9.84
CA TYR B 68 -6.11 23.52 8.73
C TYR B 68 -6.17 24.38 7.46
N ASN B 69 -6.55 25.65 7.60
CA ASN B 69 -6.57 26.55 6.45
C ASN B 69 -5.17 26.78 5.90
N SER B 70 -4.17 26.82 6.77
CA SER B 70 -2.80 27.03 6.32
C SER B 70 -2.23 25.78 5.64
N THR B 71 -2.67 24.60 6.04
CA THR B 71 -2.17 23.36 5.44
C THR B 71 -3.03 22.83 4.30
N ARG B 72 -4.20 23.43 4.04
CA ARG B 72 -5.06 22.93 2.98
C ARG B 72 -4.79 23.60 1.63
N ASP B 73 -4.48 24.89 1.62
CA ASP B 73 -4.27 25.59 0.37
C ASP B 73 -3.06 25.06 -0.37
N ARG B 74 -3.18 24.95 -1.69
CA ARG B 74 -2.10 24.40 -2.50
C ARG B 74 -0.90 25.35 -2.53
N VAL B 75 0.29 24.75 -2.60
CA VAL B 75 1.52 25.53 -2.64
C VAL B 75 1.72 26.13 -4.03
N ALA B 76 2.62 27.10 -4.11
CA ALA B 76 2.92 27.76 -5.37
C ALA B 76 4.38 28.20 -5.43
N ALA B 88 13.10 7.36 6.72
CA ALA B 88 13.00 8.47 7.66
C ALA B 88 11.91 9.45 7.22
N ASP B 89 11.73 9.57 5.91
CA ASP B 89 10.72 10.47 5.38
C ASP B 89 9.29 10.02 5.70
N TYR B 90 9.11 8.74 6.01
CA TYR B 90 7.78 8.20 6.31
C TYR B 90 7.39 8.42 7.77
N TYR B 91 8.33 8.85 8.61
CA TYR B 91 8.05 9.07 10.02
C TYR B 91 7.06 10.22 10.21
N ALA B 92 6.51 10.30 11.42
CA ALA B 92 5.47 11.28 11.72
C ALA B 92 6.03 12.69 11.66
N LYS B 93 5.36 13.54 10.88
CA LYS B 93 5.75 14.94 10.71
C LYS B 93 4.67 15.81 11.33
N GLU B 94 5.06 16.65 12.29
CA GLU B 94 4.13 17.55 12.97
C GLU B 94 4.46 18.99 12.62
N VAL B 95 3.41 19.78 12.41
CA VAL B 95 3.55 21.17 11.96
C VAL B 95 3.19 22.09 13.12
N THR B 96 3.94 23.19 13.23
CA THR B 96 3.72 24.20 14.27
C THR B 96 3.57 25.57 13.61
N ARG B 97 2.96 26.49 14.35
CA ARG B 97 2.64 27.81 13.84
C ARG B 97 3.34 28.88 14.66
N VAL B 98 4.05 29.77 13.97
CA VAL B 98 4.72 30.89 14.61
C VAL B 98 4.45 32.14 13.78
N LEU B 99 4.48 33.30 14.43
CA LEU B 99 4.14 34.57 13.81
C LEU B 99 5.21 35.60 14.12
N MET B 100 5.24 36.65 13.30
CA MET B 100 6.14 37.78 13.52
C MET B 100 5.52 38.77 14.49
N VAL B 101 6.26 39.83 14.80
CA VAL B 101 5.83 40.89 15.71
C VAL B 101 5.53 42.14 14.89
N GLU B 102 4.46 42.84 15.27
CA GLU B 102 4.08 44.07 14.58
C GLU B 102 5.19 45.10 14.66
N THR B 103 5.28 45.93 13.61
CA THR B 103 6.34 46.91 13.49
C THR B 103 6.39 47.84 14.68
N HIS B 104 7.59 48.03 15.23
CA HIS B 104 7.77 48.87 16.40
C HIS B 104 9.23 49.29 16.48
N ASN B 105 9.55 50.09 17.50
CA ASN B 105 10.88 50.65 17.69
C ASN B 105 12.00 49.63 17.50
N GLU B 106 11.84 48.43 18.07
CA GLU B 106 12.89 47.42 17.96
C GLU B 106 13.12 47.03 16.51
N ILE B 107 12.04 46.90 15.73
CA ILE B 107 12.19 46.57 14.31
C ILE B 107 12.80 47.73 13.55
N TYR B 108 12.37 48.96 13.85
CA TYR B 108 12.87 50.14 13.18
C TYR B 108 14.14 50.69 13.83
N ASP B 109 14.84 49.88 14.62
CA ASP B 109 16.06 50.30 15.31
C ASP B 109 17.33 49.94 14.53
N LYS B 110 17.47 48.68 14.12
CA LYS B 110 18.70 48.26 13.47
C LYS B 110 18.79 48.81 12.04
N PHE B 111 17.84 48.43 11.18
CA PHE B 111 17.81 48.91 9.80
C PHE B 111 16.39 49.30 9.45
N LYS B 112 16.27 50.37 8.66
CA LYS B 112 14.99 50.94 8.26
C LYS B 112 14.74 50.68 6.77
N GLN B 113 13.63 51.22 6.29
CA GLN B 113 13.24 51.11 4.89
C GLN B 113 13.29 52.50 4.26
N SER B 114 14.01 52.62 3.15
CA SER B 114 14.14 53.93 2.50
C SER B 114 12.93 54.22 1.62
N THR B 115 12.74 53.44 0.57
CA THR B 115 11.59 53.59 -0.33
C THR B 115 10.75 52.34 -0.42
N HIS B 116 11.36 51.17 -0.62
CA HIS B 116 10.64 49.90 -0.70
C HIS B 116 11.41 48.83 0.04
N SER B 117 10.73 48.11 0.92
CA SER B 117 11.34 47.03 1.68
C SER B 117 10.29 46.17 2.37
N ILE B 118 10.43 44.85 2.25
CA ILE B 118 9.56 43.90 2.94
C ILE B 118 10.43 42.97 3.76
N TYR B 119 10.23 42.99 5.07
CA TYR B 119 10.99 42.15 5.99
C TYR B 119 10.04 41.28 6.82
N MET B 120 10.44 40.04 7.04
CA MET B 120 9.76 39.15 7.98
C MET B 120 10.82 38.44 8.81
N PHE B 121 10.75 38.62 10.13
CA PHE B 121 11.70 38.00 11.05
C PHE B 121 10.96 37.53 12.28
N PHE B 122 11.50 36.49 12.91
CA PHE B 122 10.83 35.82 14.01
C PHE B 122 11.82 35.52 15.12
N ASN B 123 11.30 35.43 16.34
CA ASN B 123 12.15 35.18 17.50
C ASN B 123 12.78 33.79 17.42
N THR B 124 14.05 33.70 17.82
CA THR B 124 14.71 32.40 17.89
C THR B 124 14.18 31.57 19.05
N SER B 125 13.80 32.23 20.16
CA SER B 125 13.21 31.50 21.27
C SER B 125 11.90 30.84 20.88
N GLU B 126 11.13 31.50 20.01
CA GLU B 126 9.89 30.91 19.50
C GLU B 126 10.17 29.63 18.71
N LEU B 127 11.22 29.66 17.87
CA LEU B 127 11.61 28.44 17.16
C LEU B 127 12.08 27.37 18.13
N ARG B 128 12.83 27.75 19.16
CA ARG B 128 13.31 26.77 20.13
C ARG B 128 12.16 26.10 20.87
N GLU B 129 11.18 26.88 21.31
CA GLU B 129 10.03 26.31 22.00
C GLU B 129 9.11 25.55 21.04
N ALA B 130 9.16 25.86 19.74
CA ALA B 130 8.41 25.09 18.77
C ALA B 130 9.15 23.81 18.39
N VAL B 131 10.41 23.94 17.97
CA VAL B 131 11.27 22.81 17.64
C VAL B 131 12.37 22.74 18.69
N PRO B 132 12.35 21.75 19.59
CA PRO B 132 13.35 21.70 20.66
C PRO B 132 14.76 21.45 20.17
N GLU B 133 14.95 20.40 19.36
CA GLU B 133 16.28 20.03 18.90
C GLU B 133 16.49 20.46 17.46
N PRO B 134 17.62 21.08 17.12
CA PRO B 134 17.85 21.48 15.73
C PRO B 134 17.85 20.31 14.76
N VAL B 135 18.51 19.20 15.11
CA VAL B 135 18.55 18.04 14.23
C VAL B 135 17.18 17.38 14.12
N LEU B 136 16.30 17.60 15.10
CA LEU B 136 14.98 17.00 15.07
C LEU B 136 14.11 17.60 13.97
N LEU B 137 14.40 18.83 13.55
CA LEU B 137 13.64 19.47 12.49
C LEU B 137 13.88 18.75 11.16
N SER B 138 12.83 18.65 10.35
CA SER B 138 12.89 17.97 9.07
C SER B 138 12.62 18.88 7.89
N ARG B 139 11.49 19.58 7.88
CA ARG B 139 11.10 20.40 6.75
C ARG B 139 10.57 21.75 7.26
N ALA B 140 10.74 22.77 6.44
CA ALA B 140 10.28 24.12 6.77
C ALA B 140 9.76 24.79 5.51
N GLU B 141 8.68 25.56 5.65
CA GLU B 141 8.07 26.26 4.55
C GLU B 141 7.79 27.71 4.95
N LEU B 142 7.89 28.61 3.98
CA LEU B 142 7.64 30.02 4.19
C LEU B 142 6.40 30.44 3.40
N ARG B 143 5.48 31.10 4.07
CA ARG B 143 4.22 31.53 3.46
C ARG B 143 4.18 33.05 3.41
N LEU B 144 3.67 33.59 2.30
CA LEU B 144 3.62 35.03 2.09
C LEU B 144 2.27 35.41 1.49
N LEU B 145 1.84 36.64 1.79
CA LEU B 145 0.59 37.18 1.26
C LEU B 145 0.91 38.29 0.27
N ARG B 146 0.29 38.24 -0.90
CA ARG B 146 0.51 39.19 -1.97
C ARG B 146 -0.83 39.78 -2.36
N LEU B 147 -0.85 41.11 -2.58
CA LEU B 147 -2.07 41.80 -2.99
C LEU B 147 -2.61 41.24 -4.30
N LYS B 148 -1.75 40.66 -5.14
CA LYS B 148 -2.15 40.01 -6.39
C LYS B 148 -2.83 41.00 -7.33
N LEU B 149 -2.30 42.23 -7.38
CA LEU B 149 -2.75 43.24 -8.34
C LEU B 149 -1.51 43.95 -8.87
N LYS B 150 -0.92 43.38 -9.92
CA LYS B 150 0.22 43.97 -10.60
C LYS B 150 0.49 43.18 -11.88
N VAL B 151 0.75 43.91 -12.97
CA VAL B 151 0.96 43.26 -14.26
C VAL B 151 2.30 42.53 -14.28
N GLU B 152 3.35 43.13 -13.71
CA GLU B 152 4.69 42.57 -13.75
C GLU B 152 5.31 42.64 -12.36
N GLN B 153 5.93 41.54 -11.94
CA GLN B 153 6.60 41.48 -10.64
C GLN B 153 7.60 40.36 -10.64
N HIS B 154 8.74 40.59 -9.96
CA HIS B 154 9.76 39.57 -9.78
C HIS B 154 10.14 39.52 -8.30
N VAL B 155 10.53 38.33 -7.84
CA VAL B 155 10.77 38.07 -6.44
C VAL B 155 12.22 37.66 -6.24
N GLU B 156 12.85 38.21 -5.20
CA GLU B 156 14.20 37.82 -4.79
C GLU B 156 14.20 37.48 -3.31
N LEU B 157 14.97 36.47 -2.94
CA LEU B 157 15.06 36.02 -1.56
C LEU B 157 16.47 36.28 -1.03
N TYR B 158 16.56 36.89 0.15
CA TYR B 158 17.83 37.20 0.77
C TYR B 158 17.78 36.81 2.24
N GLN B 159 18.95 36.56 2.81
CA GLN B 159 19.08 36.14 4.21
C GLN B 159 20.18 36.92 4.88
N LYS B 160 19.96 37.30 6.14
CA LYS B 160 20.94 38.06 6.92
C LYS B 160 21.97 37.08 7.47
N TYR B 161 23.03 36.86 6.70
CA TYR B 161 24.08 35.96 7.14
C TYR B 161 24.95 36.59 8.22
N SER B 162 25.07 37.91 8.21
CA SER B 162 25.87 38.62 9.20
C SER B 162 25.22 39.97 9.46
N ASN B 163 25.91 40.81 10.26
CA ASN B 163 25.34 42.10 10.62
C ASN B 163 25.22 43.03 9.41
N ASN B 164 26.23 43.03 8.54
CA ASN B 164 26.27 43.95 7.41
C ASN B 164 26.42 43.25 6.07
N SER B 165 26.08 41.96 6.00
CA SER B 165 26.16 41.22 4.75
C SER B 165 24.94 40.32 4.61
N TRP B 166 24.64 39.96 3.36
CA TRP B 166 23.50 39.13 3.03
C TRP B 166 23.97 37.82 2.42
N ARG B 167 23.03 36.89 2.25
CA ARG B 167 23.29 35.59 1.66
C ARG B 167 22.31 35.34 0.53
N TYR B 168 22.82 34.85 -0.59
CA TYR B 168 21.97 34.60 -1.75
C TYR B 168 21.08 33.39 -1.52
N LEU B 169 19.86 33.46 -2.06
CA LEU B 169 18.88 32.39 -1.95
C LEU B 169 18.25 32.14 -3.32
N SER B 170 17.25 31.26 -3.34
CA SER B 170 16.64 30.83 -4.59
C SER B 170 15.82 31.95 -5.22
N ASN B 171 15.62 31.84 -6.53
CA ASN B 171 14.86 32.82 -7.31
C ASN B 171 13.77 32.09 -8.09
N ARG B 172 12.55 32.63 -8.02
CA ARG B 172 11.40 32.07 -8.71
C ARG B 172 10.70 33.15 -9.52
N LEU B 173 9.59 32.78 -10.14
CA LEU B 173 8.79 33.68 -10.97
C LEU B 173 7.39 33.82 -10.38
N LEU B 174 6.57 34.63 -11.05
CA LEU B 174 5.20 34.88 -10.61
C LEU B 174 4.28 34.89 -11.81
N ALA B 175 2.98 34.70 -11.55
CA ALA B 175 1.97 34.67 -12.59
C ALA B 175 0.91 35.75 -12.31
N PRO B 176 0.61 36.61 -13.28
CA PRO B 176 -0.41 37.64 -13.05
C PRO B 176 -1.79 37.07 -12.86
N SER B 177 -2.07 36.51 -11.67
CA SER B 177 -3.36 35.94 -11.38
C SER B 177 -4.26 36.99 -10.72
N ASP B 178 -5.49 36.59 -10.40
CA ASP B 178 -6.45 37.48 -9.77
C ASP B 178 -6.97 36.99 -8.43
N SER B 179 -6.78 35.71 -8.10
CA SER B 179 -7.24 35.18 -6.82
C SER B 179 -6.04 35.12 -5.88
N PRO B 180 -6.04 35.86 -4.78
CA PRO B 180 -4.89 35.83 -3.87
C PRO B 180 -4.68 34.45 -3.26
N GLU B 181 -3.42 34.10 -3.06
CA GLU B 181 -3.05 32.81 -2.48
C GLU B 181 -1.68 32.94 -1.84
N TRP B 182 -1.28 31.90 -1.11
CA TRP B 182 -0.06 31.94 -0.32
C TRP B 182 1.03 31.12 -1.01
N LEU B 183 2.18 31.76 -1.23
CA LEU B 183 3.30 31.09 -1.88
C LEU B 183 4.10 30.27 -0.87
N SER B 184 4.85 29.31 -1.39
CA SER B 184 5.66 28.40 -0.58
C SER B 184 7.12 28.47 -1.02
N PHE B 185 8.02 28.46 -0.04
CA PHE B 185 9.45 28.50 -0.29
C PHE B 185 10.15 27.42 0.54
N ASP B 186 11.23 26.88 -0.02
CA ASP B 186 12.02 25.85 0.66
C ASP B 186 13.11 26.54 1.47
N VAL B 187 12.96 26.54 2.80
CA VAL B 187 13.89 27.23 3.68
C VAL B 187 14.37 26.30 4.77
N THR B 188 14.39 24.99 4.48
CA THR B 188 14.79 24.00 5.48
C THR B 188 16.22 24.23 5.95
N GLY B 189 17.14 24.50 5.02
CA GLY B 189 18.54 24.66 5.38
C GLY B 189 18.79 25.85 6.27
N VAL B 190 18.19 27.00 5.93
CA VAL B 190 18.42 28.22 6.71
C VAL B 190 17.80 28.10 8.09
N VAL B 191 16.64 27.46 8.20
CA VAL B 191 16.03 27.24 9.52
C VAL B 191 16.87 26.27 10.34
N ARG B 192 17.44 25.25 9.69
CA ARG B 192 18.35 24.34 10.38
C ARG B 192 19.56 25.09 10.91
N GLN B 193 20.14 25.97 10.09
CA GLN B 193 21.30 26.74 10.53
C GLN B 193 20.94 27.67 11.68
N TRP B 194 19.78 28.33 11.62
CA TRP B 194 19.37 29.22 12.69
C TRP B 194 19.13 28.45 13.99
N LEU B 195 18.53 27.26 13.90
CA LEU B 195 18.36 26.44 15.09
C LEU B 195 19.71 26.00 15.65
N SER B 196 20.67 25.68 14.77
CA SER B 196 22.00 25.29 15.24
C SER B 196 22.77 26.46 15.84
N ARG B 197 22.46 27.69 15.45
CA ARG B 197 23.13 28.86 15.96
C ARG B 197 22.38 29.44 17.16
N GLY B 198 23.10 30.15 18.02
CA GLY B 198 22.50 30.77 19.18
C GLY B 198 22.32 32.27 19.03
N GLY B 199 22.02 32.72 17.81
CA GLY B 199 21.81 34.14 17.59
C GLY B 199 20.58 34.66 18.30
N GLU B 200 20.65 35.92 18.72
CA GLU B 200 19.54 36.51 19.45
C GLU B 200 18.35 36.79 18.53
N ILE B 201 18.61 37.34 17.34
CA ILE B 201 17.53 37.65 16.41
C ILE B 201 18.12 37.77 15.00
N GLU B 202 17.39 37.23 14.03
CA GLU B 202 17.79 37.30 12.63
C GLU B 202 16.52 37.39 11.77
N GLY B 203 16.72 37.56 10.48
CA GLY B 203 15.58 37.69 9.58
C GLY B 203 15.99 37.57 8.13
N PHE B 204 14.99 37.72 7.27
CA PHE B 204 15.15 37.63 5.82
C PHE B 204 15.26 39.03 5.22
N ARG B 205 15.28 39.11 3.89
CA ARG B 205 15.25 40.38 3.18
C ARG B 205 14.65 40.17 1.80
N LEU B 206 13.68 41.01 1.45
CA LEU B 206 13.05 40.98 0.13
C LEU B 206 12.72 42.42 -0.24
N SER B 207 13.44 42.99 -1.19
CA SER B 207 13.29 44.40 -1.53
C SER B 207 12.71 44.62 -2.92
N ALA B 208 13.40 44.18 -3.98
CA ALA B 208 12.97 44.43 -5.35
C ALA B 208 13.91 43.80 -6.37
N HIS B 209 13.56 43.92 -7.65
CA HIS B 209 14.43 43.58 -8.77
C HIS B 209 15.12 44.85 -9.25
N CYS B 210 16.44 44.89 -9.14
CA CYS B 210 17.22 46.08 -9.48
C CYS B 210 18.22 45.70 -10.57
N SER B 211 17.87 45.99 -11.83
CA SER B 211 18.77 45.75 -12.94
C SER B 211 19.85 46.82 -12.97
N CYS B 212 21.01 46.45 -13.54
CA CYS B 212 22.13 47.38 -13.64
C CYS B 212 22.69 47.39 -15.07
N MET B 240 -3.60 41.21 10.82
CA MET B 240 -4.62 40.17 10.90
C MET B 240 -4.37 39.09 9.86
N ASN B 241 -3.54 39.41 8.86
CA ASN B 241 -3.20 38.49 7.78
C ASN B 241 -1.69 38.48 7.55
N ARG B 242 -0.93 38.38 8.64
CA ARG B 242 0.52 38.37 8.55
C ARG B 242 1.01 37.07 7.93
N PRO B 243 2.21 37.09 7.34
CA PRO B 243 2.74 35.87 6.70
C PRO B 243 2.87 34.72 7.69
N PHE B 244 2.61 33.51 7.20
CA PHE B 244 2.59 32.32 8.02
C PHE B 244 3.95 31.64 8.02
N LEU B 245 4.10 30.65 8.89
CA LEU B 245 5.29 29.81 8.93
C LEU B 245 4.90 28.40 9.35
N LEU B 246 5.46 27.41 8.65
CA LEU B 246 5.18 26.01 8.94
C LEU B 246 6.51 25.28 9.14
N LEU B 247 6.64 24.59 10.28
CA LEU B 247 7.83 23.82 10.61
C LEU B 247 7.43 22.37 10.81
N MET B 248 8.00 21.47 10.01
CA MET B 248 7.69 20.05 10.08
C MET B 248 8.72 19.37 10.98
N ALA B 249 8.24 18.71 12.03
CA ALA B 249 9.12 18.06 13.00
C ALA B 249 8.38 16.86 13.59
N THR B 250 8.99 16.24 14.59
CA THR B 250 8.46 15.06 15.25
C THR B 250 8.58 15.24 16.76
N PRO B 251 7.52 14.97 17.53
CA PRO B 251 7.63 15.10 18.99
C PRO B 251 8.63 14.12 19.58
N LEU B 252 9.21 14.49 20.71
CA LEU B 252 10.21 13.64 21.36
C LEU B 252 9.63 12.30 21.75
N GLU B 253 8.40 12.28 22.28
CA GLU B 253 7.77 11.03 22.68
C GLU B 253 7.41 10.15 21.49
N ARG B 254 7.40 10.71 20.28
CA ARG B 254 7.10 9.95 19.07
C ARG B 254 8.34 9.38 18.40
N ALA B 255 9.53 9.64 18.95
CA ALA B 255 10.75 9.14 18.36
C ALA B 255 10.99 7.68 18.74
N GLN B 256 11.94 7.05 18.07
CA GLN B 256 12.25 5.64 18.30
C GLN B 256 13.42 5.42 19.25
N HIS B 257 14.35 6.37 19.35
CA HIS B 257 15.50 6.24 20.21
C HIS B 257 15.32 6.91 21.57
N LEU B 258 14.15 7.46 21.85
CA LEU B 258 13.87 8.07 23.15
C LEU B 258 13.25 7.06 24.10
N TYR B 271 22.46 -1.02 1.28
CA TYR B 271 22.33 -1.62 2.60
C TYR B 271 21.94 -3.10 2.49
N CYS B 272 20.72 -3.34 2.02
CA CYS B 272 20.26 -4.72 1.87
C CYS B 272 21.02 -5.46 0.78
N PHE B 273 21.49 -4.73 -0.25
CA PHE B 273 22.24 -5.37 -1.32
C PHE B 273 23.55 -5.97 -0.80
N SER B 274 24.24 -5.25 0.08
CA SER B 274 25.49 -5.77 0.63
C SER B 274 25.26 -7.02 1.47
N SER B 275 24.20 -7.03 2.27
CA SER B 275 23.89 -8.16 3.13
C SER B 275 23.04 -9.17 2.37
N THR B 276 22.58 -10.21 3.05
CA THR B 276 21.73 -11.25 2.48
C THR B 276 20.36 -11.15 3.14
N GLU B 277 19.39 -10.60 2.40
CA GLU B 277 18.03 -10.45 2.89
C GLU B 277 17.04 -10.93 1.85
N LYS B 278 15.89 -11.39 2.32
CA LYS B 278 14.85 -11.94 1.46
C LYS B 278 13.74 -10.93 1.16
N ASN B 279 13.92 -9.67 1.54
CA ASN B 279 12.90 -8.65 1.33
C ASN B 279 13.01 -8.10 -0.09
N CYS B 280 12.24 -7.04 -0.37
CA CYS B 280 12.22 -6.40 -1.69
C CYS B 280 13.49 -5.58 -1.86
N CYS B 281 14.58 -6.27 -2.20
CA CYS B 281 15.86 -5.65 -2.46
C CYS B 281 16.41 -6.14 -3.79
N VAL B 282 17.45 -5.47 -4.27
CA VAL B 282 18.01 -5.70 -5.60
C VAL B 282 19.43 -6.20 -5.46
N ARG B 283 19.83 -7.10 -6.35
CA ARG B 283 21.19 -7.65 -6.37
C ARG B 283 21.69 -7.64 -7.81
N GLN B 284 22.86 -8.24 -8.02
CA GLN B 284 23.63 -8.04 -9.24
C GLN B 284 23.18 -8.96 -10.37
N LEU B 285 23.28 -8.45 -11.59
CA LEU B 285 23.15 -9.23 -12.81
C LEU B 285 23.92 -8.52 -13.92
N TYR B 286 24.63 -9.30 -14.73
CA TYR B 286 25.38 -8.75 -15.86
C TYR B 286 25.18 -9.67 -17.06
N ILE B 287 24.62 -9.10 -18.13
CA ILE B 287 24.42 -9.81 -19.39
C ILE B 287 25.02 -8.98 -20.52
N ASP B 288 25.64 -9.66 -21.48
CA ASP B 288 26.26 -9.02 -22.63
C ASP B 288 25.49 -9.38 -23.90
N PHE B 289 26.00 -8.90 -25.03
CA PHE B 289 25.41 -9.15 -26.33
C PHE B 289 26.20 -10.16 -27.15
N ARG B 290 27.06 -10.93 -26.51
CA ARG B 290 27.97 -11.84 -27.21
C ARG B 290 27.48 -13.28 -27.20
N LYS B 291 27.24 -13.85 -26.01
CA LYS B 291 26.95 -15.27 -25.89
C LYS B 291 25.51 -15.54 -25.43
N ASP B 292 25.09 -14.97 -24.30
CA ASP B 292 23.77 -15.28 -23.76
C ASP B 292 22.65 -14.58 -24.51
N LEU B 293 22.95 -13.53 -25.29
CA LEU B 293 21.94 -12.80 -26.03
C LEU B 293 22.08 -12.93 -27.53
N GLY B 294 23.29 -13.10 -28.04
CA GLY B 294 23.50 -13.35 -29.46
C GLY B 294 23.12 -12.22 -30.38
N TRP B 295 23.46 -10.98 -30.03
CA TRP B 295 23.21 -9.82 -30.88
C TRP B 295 24.55 -9.26 -31.32
N LYS B 296 24.97 -9.58 -32.54
CA LYS B 296 26.25 -9.15 -33.08
C LYS B 296 26.17 -7.82 -33.82
N TRP B 297 24.98 -7.25 -33.96
CA TRP B 297 24.83 -5.97 -34.65
C TRP B 297 25.02 -4.78 -33.72
N ILE B 298 25.27 -5.00 -32.44
CA ILE B 298 25.54 -3.94 -31.47
C ILE B 298 27.02 -4.00 -31.11
N HIS B 299 27.75 -2.94 -31.44
CA HIS B 299 29.19 -2.89 -31.19
C HIS B 299 29.53 -2.38 -29.80
N GLU B 300 28.73 -1.46 -29.26
CA GLU B 300 29.02 -0.85 -27.98
C GLU B 300 27.71 -0.32 -27.39
N PRO B 301 27.46 -0.51 -26.08
CA PRO B 301 28.33 -1.19 -25.11
C PRO B 301 28.25 -2.72 -25.19
N LYS B 302 29.31 -3.39 -24.75
CA LYS B 302 29.30 -4.85 -24.72
C LYS B 302 28.28 -5.38 -23.72
N GLY B 303 28.15 -4.74 -22.57
CA GLY B 303 27.21 -5.18 -21.56
C GLY B 303 26.91 -4.09 -20.57
N TYR B 304 25.91 -4.34 -19.73
CA TYR B 304 25.48 -3.38 -18.73
C TYR B 304 24.80 -4.13 -17.59
N HIS B 305 24.64 -3.43 -16.47
CA HIS B 305 24.06 -4.01 -15.26
C HIS B 305 22.53 -3.89 -15.34
N ALA B 306 21.90 -4.95 -15.81
CA ALA B 306 20.44 -5.01 -15.87
C ALA B 306 19.89 -5.64 -14.59
N ASN B 307 20.00 -4.89 -13.50
CA ASN B 307 19.62 -5.39 -12.20
C ASN B 307 18.11 -5.59 -12.11
N PHE B 308 17.71 -6.56 -11.29
CA PHE B 308 16.31 -6.84 -11.04
C PHE B 308 16.12 -7.11 -9.56
N CYS B 309 14.88 -6.94 -9.09
CA CYS B 309 14.57 -7.17 -7.69
C CYS B 309 13.22 -7.88 -7.56
N LEU B 310 13.09 -8.66 -6.49
CA LEU B 310 11.85 -9.35 -6.19
C LEU B 310 11.60 -9.28 -4.69
N GLY B 311 10.33 -9.40 -4.31
CA GLY B 311 9.95 -9.33 -2.92
C GLY B 311 8.52 -9.78 -2.68
N PRO B 312 8.33 -10.63 -1.67
CA PRO B 312 6.98 -11.10 -1.35
C PRO B 312 6.02 -9.99 -0.95
N CYS B 313 6.52 -8.95 -0.28
CA CYS B 313 5.71 -7.84 0.22
C CYS B 313 4.54 -8.36 1.06
N PRO B 314 4.80 -8.88 2.26
CA PRO B 314 3.72 -9.42 3.08
C PRO B 314 2.72 -8.36 3.51
N TYR B 315 1.50 -8.81 3.78
CA TYR B 315 0.38 -7.94 4.09
C TYR B 315 0.01 -8.06 5.57
N ILE B 316 -0.14 -6.91 6.23
CA ILE B 316 -0.54 -6.86 7.63
C ILE B 316 -2.04 -6.64 7.71
N TRP B 317 -2.73 -7.51 8.45
CA TRP B 317 -4.14 -7.29 8.75
C TRP B 317 -4.28 -6.38 9.97
N SER B 318 -5.17 -5.41 9.87
CA SER B 318 -5.31 -4.40 10.90
C SER B 318 -6.03 -4.98 12.12
N LEU B 319 -5.43 -4.80 13.29
CA LEU B 319 -6.03 -5.20 14.56
C LEU B 319 -6.03 -4.02 15.51
N ASP B 320 -6.78 -4.15 16.60
CA ASP B 320 -6.86 -3.07 17.59
C ASP B 320 -5.57 -2.98 18.41
N THR B 321 -5.05 -4.11 18.86
CA THR B 321 -3.81 -4.12 19.62
C THR B 321 -2.60 -4.16 18.69
N GLN B 322 -1.49 -3.60 19.15
CA GLN B 322 -0.24 -3.60 18.41
C GLN B 322 0.93 -3.71 19.38
N TYR B 323 2.06 -4.17 18.86
CA TYR B 323 3.29 -4.28 19.61
C TYR B 323 4.22 -3.12 19.24
N SER B 324 5.45 -3.17 19.73
CA SER B 324 6.41 -2.09 19.52
C SER B 324 7.22 -2.27 18.24
N LYS B 325 7.93 -3.40 18.12
CA LYS B 325 8.74 -3.66 16.93
C LYS B 325 7.89 -3.92 15.70
N VAL B 326 6.63 -4.32 15.88
CA VAL B 326 5.76 -4.56 14.74
C VAL B 326 5.48 -3.26 13.99
N LEU B 327 5.64 -2.11 14.64
CA LEU B 327 5.49 -0.84 13.95
C LEU B 327 6.52 -0.70 12.83
N ALA B 328 7.80 -0.90 13.16
CA ALA B 328 8.84 -0.88 12.13
C ALA B 328 8.70 -2.06 11.18
N LEU B 329 8.22 -3.20 11.67
CA LEU B 329 7.99 -4.34 10.80
C LEU B 329 6.99 -4.00 9.69
N TYR B 330 5.90 -3.33 10.05
CA TYR B 330 4.96 -2.84 9.04
C TYR B 330 5.60 -1.76 8.18
N ASN B 331 6.36 -0.85 8.80
CA ASN B 331 6.98 0.25 8.07
C ASN B 331 7.97 -0.24 7.02
N GLN B 332 8.46 -1.47 7.15
CA GLN B 332 9.29 -2.10 6.14
C GLN B 332 8.53 -3.03 5.21
N HIS B 333 7.48 -3.69 5.71
CA HIS B 333 6.69 -4.61 4.89
C HIS B 333 5.56 -3.92 4.13
N ASN B 334 5.25 -2.68 4.46
CA ASN B 334 4.12 -1.98 3.84
C ASN B 334 4.28 -0.48 3.98
N PRO B 335 4.99 0.19 3.06
CA PRO B 335 5.14 1.65 3.14
C PRO B 335 4.03 2.42 2.44
N GLY B 336 3.15 1.75 1.70
CA GLY B 336 2.09 2.44 0.98
C GLY B 336 0.71 1.85 1.20
N ALA B 337 0.65 0.65 1.76
CA ALA B 337 -0.61 -0.04 2.05
C ALA B 337 -1.45 -0.21 0.78
N SER B 338 -0.88 -0.94 -0.18
CA SER B 338 -1.57 -1.25 -1.42
C SER B 338 -2.38 -2.54 -1.28
N ALA B 339 -3.45 -2.63 -2.07
CA ALA B 339 -4.29 -3.83 -2.04
C ALA B 339 -3.52 -5.06 -2.51
N ALA B 340 -2.74 -4.92 -3.58
CA ALA B 340 -1.91 -6.00 -4.12
C ALA B 340 -0.50 -5.46 -4.33
N PRO B 341 0.28 -5.32 -3.27
CA PRO B 341 1.64 -4.78 -3.42
C PRO B 341 2.51 -5.69 -4.27
N CYS B 342 3.36 -5.06 -5.08
CA CYS B 342 4.30 -5.77 -5.93
C CYS B 342 5.66 -5.09 -5.85
N CYS B 343 6.71 -5.89 -5.67
CA CYS B 343 8.06 -5.34 -5.55
C CYS B 343 8.52 -4.84 -6.92
N VAL B 344 8.33 -3.54 -7.17
CA VAL B 344 8.55 -2.96 -8.49
C VAL B 344 9.47 -1.76 -8.37
N PRO B 345 10.24 -1.42 -9.42
CA PRO B 345 11.12 -0.26 -9.33
C PRO B 345 10.36 1.06 -9.33
N GLN B 346 10.99 2.07 -8.74
CA GLN B 346 10.46 3.43 -8.74
C GLN B 346 11.38 4.42 -9.44
N ALA B 347 12.67 4.39 -9.12
CA ALA B 347 13.65 5.29 -9.73
C ALA B 347 14.32 4.57 -10.89
N LEU B 348 14.24 5.17 -12.07
CA LEU B 348 14.80 4.59 -13.29
C LEU B 348 15.78 5.56 -13.93
N GLU B 349 16.87 5.02 -14.48
CA GLU B 349 17.88 5.82 -15.15
C GLU B 349 18.10 5.31 -16.56
N PRO B 350 18.20 6.19 -17.54
CA PRO B 350 18.36 5.76 -18.93
C PRO B 350 19.81 5.41 -19.25
N LEU B 351 19.99 4.76 -20.42
CA LEU B 351 21.30 4.43 -20.95
C LEU B 351 21.20 4.38 -22.47
N PRO B 352 22.16 4.94 -23.18
CA PRO B 352 22.12 4.92 -24.65
C PRO B 352 22.87 3.75 -25.26
N ILE B 353 22.45 3.40 -26.48
CA ILE B 353 23.10 2.38 -27.28
C ILE B 353 23.31 2.93 -28.68
N VAL B 354 24.22 2.30 -29.42
CA VAL B 354 24.57 2.73 -30.77
C VAL B 354 24.63 1.52 -31.68
N TYR B 355 24.11 1.69 -32.90
CA TYR B 355 24.23 0.68 -33.95
C TYR B 355 24.16 1.39 -35.29
N TYR B 356 24.72 0.74 -36.32
CA TYR B 356 24.80 1.32 -37.65
C TYR B 356 23.76 0.67 -38.56
N VAL B 357 22.91 1.51 -39.14
CA VAL B 357 21.90 1.06 -40.09
C VAL B 357 21.83 2.07 -41.24
N GLY B 358 21.71 1.57 -42.46
CA GLY B 358 21.66 2.46 -43.61
C GLY B 358 23.00 3.08 -43.89
N ARG B 359 22.98 4.38 -44.22
CA ARG B 359 24.19 5.12 -44.55
C ARG B 359 24.51 6.22 -43.54
N LYS B 360 23.75 6.34 -42.45
CA LYS B 360 24.00 7.38 -41.47
C LYS B 360 24.03 6.79 -40.07
N PRO B 361 25.00 7.20 -39.25
CA PRO B 361 25.03 6.71 -37.87
C PRO B 361 23.90 7.31 -37.04
N LYS B 362 23.50 6.58 -36.01
CA LYS B 362 22.43 7.02 -35.14
C LYS B 362 22.67 6.49 -33.72
N VAL B 363 22.34 7.32 -32.73
CA VAL B 363 22.44 6.94 -31.32
C VAL B 363 21.11 7.26 -30.66
N GLU B 364 20.57 6.29 -29.93
CA GLU B 364 19.32 6.46 -29.21
C GLU B 364 19.52 6.10 -27.75
N GLN B 365 18.92 6.90 -26.86
CA GLN B 365 19.05 6.71 -25.42
C GLN B 365 17.78 6.04 -24.90
N LEU B 366 17.93 4.82 -24.38
CA LEU B 366 16.80 4.04 -23.89
C LEU B 366 16.60 4.31 -22.41
N SER B 367 15.37 4.63 -22.02
CA SER B 367 15.05 4.96 -20.64
C SER B 367 14.44 3.75 -19.94
N ASN B 368 14.18 3.92 -18.64
CA ASN B 368 13.59 2.87 -17.80
C ASN B 368 14.43 1.61 -17.79
N MET B 369 15.75 1.74 -17.80
CA MET B 369 16.65 0.60 -17.88
C MET B 369 17.38 0.33 -16.55
N ILE B 370 18.04 1.34 -15.99
CA ILE B 370 18.82 1.16 -14.77
C ILE B 370 17.91 1.32 -13.55
N VAL B 371 18.04 0.40 -12.60
CA VAL B 371 17.27 0.43 -11.36
C VAL B 371 18.24 0.60 -10.19
N ARG B 372 17.84 1.40 -9.21
CA ARG B 372 18.63 1.63 -8.01
C ARG B 372 17.98 1.03 -6.78
N SER B 373 16.73 1.40 -6.49
CA SER B 373 15.99 0.86 -5.36
C SER B 373 14.54 0.67 -5.76
N CYS B 374 13.92 -0.36 -5.19
CA CYS B 374 12.53 -0.72 -5.52
C CYS B 374 11.77 -1.01 -4.24
N LYS B 375 10.48 -0.64 -4.24
CA LYS B 375 9.62 -0.87 -3.09
C LYS B 375 8.18 -1.02 -3.58
N CYS B 376 7.35 -1.66 -2.75
CA CYS B 376 5.94 -1.88 -3.06
C CYS B 376 5.10 -0.96 -2.17
N SER B 377 4.41 -0.02 -2.81
CA SER B 377 3.56 0.92 -2.08
C SER B 377 2.15 0.96 -2.67
N ALA C 38 -3.07 -21.48 46.30
CA ALA C 38 -1.77 -20.82 46.17
C ALA C 38 -1.92 -19.31 46.18
N ALA C 39 -0.80 -18.60 46.00
CA ALA C 39 -0.82 -17.14 45.98
C ALA C 39 0.29 -16.66 45.06
N ASP C 40 0.11 -15.44 44.56
CA ASP C 40 1.09 -14.84 43.65
C ASP C 40 0.92 -13.33 43.67
N CYS C 41 1.94 -12.63 43.18
CA CYS C 41 1.93 -11.18 43.03
C CYS C 41 1.91 -10.86 41.55
N ARG C 42 0.90 -10.10 41.11
CA ARG C 42 0.70 -9.79 39.70
C ARG C 42 0.58 -8.28 39.54
N GLY C 43 1.58 -7.67 38.90
CA GLY C 43 1.58 -6.25 38.63
C GLY C 43 2.53 -5.43 39.49
N GLN C 44 3.25 -6.05 40.43
CA GLN C 44 4.21 -5.36 41.27
C GLN C 44 5.62 -5.62 40.75
N SER C 45 6.41 -4.55 40.63
CA SER C 45 7.77 -4.65 40.13
C SER C 45 8.64 -3.64 40.85
N LEU C 46 9.69 -4.13 41.52
CA LEU C 46 10.64 -3.26 42.20
C LEU C 46 12.07 -3.59 41.82
N ALA C 47 12.33 -4.84 41.49
CA ALA C 47 13.67 -5.29 41.13
C ALA C 47 13.56 -6.45 40.15
N SER C 48 14.69 -7.08 39.84
CA SER C 48 14.70 -8.20 38.90
C SER C 48 13.99 -9.41 39.48
N VAL C 49 14.30 -9.77 40.73
CA VAL C 49 13.69 -10.90 41.40
C VAL C 49 13.11 -10.42 42.73
N PRO C 50 11.81 -10.58 42.97
CA PRO C 50 11.26 -10.18 44.28
C PRO C 50 11.92 -10.89 45.44
N SER C 51 12.28 -12.17 45.28
CA SER C 51 12.94 -12.96 46.30
C SER C 51 12.14 -12.98 47.60
N SER C 52 10.80 -13.00 47.47
CA SER C 52 9.93 -13.02 48.63
C SER C 52 8.76 -13.99 48.48
N LEU C 53 8.72 -14.77 47.39
CA LEU C 53 7.63 -15.71 47.21
C LEU C 53 7.73 -16.82 48.27
N PRO C 54 6.59 -17.28 48.80
CA PRO C 54 6.64 -18.34 49.79
C PRO C 54 7.09 -19.65 49.16
N PRO C 55 7.68 -20.56 49.94
CA PRO C 55 8.13 -21.84 49.38
C PRO C 55 6.94 -22.70 48.96
N HIS C 56 7.26 -23.77 48.24
CA HIS C 56 6.30 -24.73 47.70
C HIS C 56 5.11 -24.03 47.05
N ALA C 57 5.42 -23.03 46.23
CA ALA C 57 4.39 -22.29 45.52
C ALA C 57 4.01 -23.02 44.23
N ARG C 58 2.82 -22.70 43.73
CA ARG C 58 2.29 -23.33 42.52
C ARG C 58 1.91 -22.34 41.44
N MET C 59 1.34 -21.19 41.80
CA MET C 59 0.91 -20.19 40.85
C MET C 59 1.90 -19.04 40.81
N LEU C 60 2.16 -18.54 39.61
CA LEU C 60 3.10 -17.42 39.43
C LEU C 60 2.71 -16.69 38.15
N THR C 61 2.15 -15.49 38.28
CA THR C 61 1.76 -14.66 37.15
C THR C 61 2.42 -13.30 37.28
N LEU C 62 3.05 -12.86 36.20
CA LEU C 62 3.75 -11.57 36.17
C LEU C 62 3.40 -10.85 34.88
N ASP C 63 2.76 -9.69 34.99
CA ASP C 63 2.44 -8.86 33.84
C ASP C 63 2.84 -7.41 34.14
N ALA C 64 3.10 -6.67 33.07
CA ALA C 64 3.54 -5.28 33.16
C ALA C 64 4.78 -5.15 34.05
N ASN C 65 5.70 -6.10 33.91
CA ASN C 65 6.91 -6.14 34.71
C ASN C 65 8.11 -5.89 33.81
N PRO C 66 8.68 -4.68 33.80
CA PRO C 66 9.85 -4.41 32.95
C PRO C 66 11.11 -5.08 33.48
N LEU C 67 11.23 -6.39 33.26
CA LEU C 67 12.41 -7.11 33.71
C LEU C 67 13.63 -6.74 32.88
N LYS C 68 14.80 -6.85 33.49
CA LYS C 68 16.06 -6.49 32.86
C LYS C 68 16.95 -7.71 32.57
N THR C 69 17.24 -8.51 33.59
CA THR C 69 18.16 -9.63 33.43
C THR C 69 17.88 -10.65 34.53
N LEU C 70 17.94 -11.93 34.18
CA LEU C 70 17.79 -13.02 35.13
C LEU C 70 19.11 -13.77 35.26
N TRP C 71 19.31 -14.37 36.43
CA TRP C 71 20.53 -15.10 36.74
C TRP C 71 20.16 -16.49 37.26
N ASN C 72 21.19 -17.34 37.42
CA ASN C 72 21.00 -18.70 37.89
C ASN C 72 21.61 -18.91 39.27
N HIS C 73 21.51 -17.90 40.13
CA HIS C 73 21.87 -18.04 41.53
C HIS C 73 20.75 -17.65 42.49
N SER C 74 19.75 -16.90 42.03
CA SER C 74 18.56 -16.59 42.81
C SER C 74 17.28 -17.09 42.15
N LEU C 75 17.39 -17.76 41.00
CA LEU C 75 16.22 -18.26 40.27
C LEU C 75 15.60 -19.50 40.89
N GLN C 76 16.31 -20.18 41.80
CA GLN C 76 15.86 -21.47 42.34
C GLN C 76 15.79 -21.41 43.86
N PRO C 77 14.79 -20.70 44.41
CA PRO C 77 14.55 -20.81 45.86
C PRO C 77 13.73 -22.03 46.25
N TYR C 78 13.03 -22.64 45.30
CA TYR C 78 12.20 -23.80 45.54
C TYR C 78 12.03 -24.59 44.25
N PRO C 79 12.40 -25.88 44.22
CA PRO C 79 12.28 -26.70 43.00
C PRO C 79 10.90 -27.34 42.87
N LEU C 80 9.84 -26.54 43.03
CA LEU C 80 8.47 -27.03 42.93
C LEU C 80 7.61 -26.10 42.11
N LEU C 81 8.20 -25.44 41.12
CA LEU C 81 7.49 -24.51 40.25
C LEU C 81 7.11 -25.22 38.96
N GLU C 82 5.84 -25.12 38.57
CA GLU C 82 5.36 -25.72 37.34
C GLU C 82 4.58 -24.78 36.43
N SER C 83 4.00 -23.71 36.96
CA SER C 83 3.23 -22.76 36.18
C SER C 83 3.90 -21.40 36.22
N LEU C 84 4.07 -20.79 35.04
CA LEU C 84 4.69 -19.47 34.95
C LEU C 84 4.13 -18.75 33.73
N SER C 85 4.25 -17.43 33.75
CA SER C 85 3.76 -16.60 32.65
C SER C 85 4.57 -15.31 32.61
N LEU C 86 5.07 -14.97 31.42
CA LEU C 86 5.86 -13.75 31.22
C LEU C 86 5.23 -12.97 30.06
N HIS C 87 4.45 -11.94 30.39
CA HIS C 87 3.81 -11.08 29.41
C HIS C 87 4.13 -9.63 29.73
N SER C 88 4.36 -8.84 28.69
CA SER C 88 4.86 -7.47 28.84
C SER C 88 6.14 -7.47 29.68
N CYS C 89 7.00 -8.44 29.41
CA CYS C 89 8.16 -8.75 30.24
C CYS C 89 9.40 -8.93 29.38
N HIS C 90 9.66 -7.95 28.52
CA HIS C 90 10.80 -8.04 27.60
C HIS C 90 12.10 -8.19 28.37
N LEU C 91 12.92 -9.18 27.97
CA LEU C 91 14.21 -9.44 28.57
C LEU C 91 15.06 -10.20 27.56
N GLU C 92 16.37 -9.95 27.60
CA GLU C 92 17.27 -10.59 26.65
C GLU C 92 18.41 -11.36 27.29
N ARG C 93 18.97 -10.87 28.40
CA ARG C 93 20.14 -11.51 28.97
C ARG C 93 19.77 -12.81 29.67
N ILE C 94 19.86 -13.93 28.94
CA ILE C 94 19.55 -15.25 29.47
C ILE C 94 20.85 -15.91 29.91
N SER C 95 20.77 -16.71 30.98
CA SER C 95 21.93 -17.34 31.59
C SER C 95 22.24 -18.71 30.99
N ARG C 96 21.82 -18.97 29.75
CA ARG C 96 22.14 -20.21 29.03
C ARG C 96 21.65 -21.44 29.80
N GLY C 97 20.33 -21.52 29.94
CA GLY C 97 19.72 -22.67 30.59
C GLY C 97 19.80 -22.63 32.10
N ALA C 98 19.15 -21.65 32.71
CA ALA C 98 19.16 -21.50 34.16
C ALA C 98 18.20 -22.46 34.86
N PHE C 99 17.40 -23.22 34.12
CA PHE C 99 16.41 -24.11 34.69
C PHE C 99 16.94 -25.51 34.94
N GLN C 100 18.24 -25.75 34.72
CA GLN C 100 18.80 -27.07 34.96
C GLN C 100 18.77 -27.44 36.45
N GLU C 101 18.72 -26.46 37.34
CA GLU C 101 18.64 -26.71 38.77
C GLU C 101 17.21 -26.87 39.26
N GLN C 102 16.22 -26.67 38.40
CA GLN C 102 14.83 -26.82 38.80
C GLN C 102 14.41 -28.29 38.76
N GLY C 103 13.48 -28.64 39.64
CA GLY C 103 13.02 -30.02 39.71
C GLY C 103 12.33 -30.46 38.44
N HIS C 104 11.41 -29.64 37.94
CA HIS C 104 10.66 -29.98 36.74
C HIS C 104 10.03 -28.72 36.16
N LEU C 105 9.76 -28.76 34.86
CA LEU C 105 9.06 -27.70 34.16
C LEU C 105 7.82 -28.28 33.50
N ARG C 106 6.68 -27.62 33.68
CA ARG C 106 5.41 -28.10 33.17
C ARG C 106 4.90 -27.23 32.02
N SER C 107 4.76 -25.92 32.25
CA SER C 107 4.21 -25.00 31.26
C SER C 107 5.20 -23.87 30.98
N LEU C 108 5.18 -23.39 29.74
CA LEU C 108 6.04 -22.30 29.31
C LEU C 108 5.28 -21.38 28.37
N VAL C 109 5.44 -20.08 28.56
CA VAL C 109 4.80 -19.08 27.72
C VAL C 109 5.60 -17.79 27.80
N LEU C 110 5.82 -17.18 26.64
CA LEU C 110 6.55 -15.92 26.52
C LEU C 110 5.67 -14.89 25.83
N GLY C 111 5.62 -13.68 26.40
CA GLY C 111 4.82 -12.62 25.82
C GLY C 111 5.54 -11.29 25.80
N ASP C 112 5.47 -10.59 24.65
CA ASP C 112 6.09 -9.28 24.47
C ASP C 112 7.58 -9.32 24.77
N ASN C 113 8.25 -10.39 24.34
CA ASN C 113 9.69 -10.54 24.49
C ASN C 113 10.34 -10.45 23.13
N CYS C 114 11.35 -9.58 23.00
CA CYS C 114 11.96 -9.28 21.70
C CYS C 114 13.25 -10.09 21.56
N LEU C 115 13.08 -11.34 21.10
CA LEU C 115 14.22 -12.22 20.83
C LEU C 115 14.69 -11.97 19.41
N SER C 116 15.71 -11.12 19.28
CA SER C 116 16.22 -10.72 17.97
C SER C 116 17.64 -11.22 17.68
N GLU C 117 18.49 -11.35 18.71
CA GLU C 117 19.85 -11.82 18.49
C GLU C 117 20.14 -13.03 19.37
N ASN C 118 19.22 -14.00 19.39
CA ASN C 118 19.33 -15.18 20.23
C ASN C 118 20.41 -16.14 19.72
N TYR C 119 20.96 -15.90 18.53
CA TYR C 119 21.89 -16.86 17.94
C TYR C 119 23.13 -17.04 18.81
N GLU C 120 23.66 -15.97 19.37
CA GLU C 120 24.86 -16.04 20.20
C GLU C 120 24.56 -16.01 21.69
N GLU C 121 23.30 -15.79 22.10
CA GLU C 121 22.98 -15.78 23.51
C GLU C 121 23.15 -17.17 24.13
N THR C 122 22.56 -18.18 23.51
CA THR C 122 22.62 -19.56 23.99
C THR C 122 22.05 -20.47 22.93
N ALA C 123 22.28 -21.77 23.09
CA ALA C 123 21.70 -22.76 22.20
C ALA C 123 20.20 -22.87 22.47
N ALA C 124 19.41 -22.82 21.39
CA ALA C 124 17.93 -22.83 21.46
C ALA C 124 17.50 -21.68 22.38
N ALA C 125 16.64 -21.93 23.36
CA ALA C 125 16.25 -20.90 24.32
C ALA C 125 16.44 -21.41 25.74
N LEU C 126 16.20 -22.70 25.95
CA LEU C 126 16.32 -23.31 27.26
C LEU C 126 16.46 -24.82 27.09
N HIS C 127 17.14 -25.45 28.05
CA HIS C 127 17.26 -26.91 28.11
C HIS C 127 16.89 -27.36 29.51
N ALA C 128 15.60 -27.54 29.74
CA ALA C 128 15.06 -27.97 31.01
C ALA C 128 14.81 -29.49 31.00
N LEU C 129 14.11 -29.97 32.02
CA LEU C 129 13.69 -31.36 32.03
C LEU C 129 12.78 -31.62 30.83
N PRO C 130 12.99 -32.71 30.08
CA PRO C 130 12.27 -32.89 28.81
C PRO C 130 10.76 -33.06 28.96
N GLY C 131 10.23 -32.96 30.17
CA GLY C 131 8.81 -33.09 30.39
C GLY C 131 8.01 -31.84 30.11
N LEU C 132 8.22 -31.24 28.94
CA LEU C 132 7.47 -30.05 28.56
C LEU C 132 6.05 -30.41 28.13
N ARG C 133 5.12 -29.48 28.39
CA ARG C 133 3.73 -29.64 27.96
C ARG C 133 3.30 -28.52 27.02
N ARG C 134 3.62 -27.27 27.34
CA ARG C 134 3.26 -26.12 26.52
C ARG C 134 4.47 -25.22 26.33
N LEU C 135 4.52 -24.55 25.17
CA LEU C 135 5.61 -23.64 24.87
C LEU C 135 5.11 -22.63 23.86
N ASP C 136 5.03 -21.36 24.26
CA ASP C 136 4.51 -20.30 23.42
C ASP C 136 5.63 -19.34 23.04
N LEU C 137 5.66 -18.94 21.76
CA LEU C 137 6.64 -18.01 21.23
C LEU C 137 5.94 -16.84 20.56
N SER C 138 4.93 -16.30 21.23
CA SER C 138 4.13 -15.21 20.68
C SER C 138 4.89 -13.89 20.77
N GLY C 139 4.93 -13.16 19.66
CA GLY C 139 5.55 -11.85 19.66
C GLY C 139 7.03 -11.83 19.94
N ASN C 140 7.79 -12.75 19.35
CA ASN C 140 9.24 -12.81 19.53
C ASN C 140 10.02 -12.68 18.23
N ALA C 141 9.35 -12.65 17.07
CA ALA C 141 9.99 -12.48 15.77
C ALA C 141 11.03 -13.58 15.52
N LEU C 142 10.57 -14.82 15.56
CA LEU C 142 11.43 -15.96 15.24
C LEU C 142 11.81 -15.92 13.76
N THR C 143 13.08 -16.21 13.49
CA THR C 143 13.60 -16.23 12.12
C THR C 143 13.91 -17.67 11.71
N GLU C 144 14.45 -17.81 10.50
CA GLU C 144 14.79 -19.14 10.00
C GLU C 144 15.87 -19.79 10.87
N ASP C 145 16.96 -19.06 11.14
CA ASP C 145 17.99 -19.59 12.02
C ASP C 145 17.48 -19.80 13.44
N MET C 146 16.67 -18.85 13.92
CA MET C 146 16.09 -18.99 15.26
C MET C 146 15.17 -20.21 15.34
N ALA C 147 14.35 -20.41 14.31
CA ALA C 147 13.47 -21.59 14.30
C ALA C 147 14.29 -22.88 14.22
N ALA C 148 15.37 -22.87 13.44
CA ALA C 148 16.23 -24.05 13.36
C ALA C 148 16.87 -24.36 14.72
N LEU C 149 17.30 -23.32 15.43
CA LEU C 149 17.89 -23.53 16.75
C LEU C 149 16.84 -23.83 17.81
N MET C 150 15.64 -23.23 17.69
CA MET C 150 14.64 -23.37 18.74
C MET C 150 14.18 -24.82 18.89
N LEU C 151 13.83 -25.47 17.79
CA LEU C 151 13.36 -26.85 17.85
C LEU C 151 14.55 -27.80 17.91
N GLN C 152 14.58 -28.63 18.95
CA GLN C 152 15.71 -29.51 19.20
C GLN C 152 15.28 -30.96 19.36
N ASN C 153 16.21 -31.82 19.78
CA ASN C 153 15.96 -33.26 19.92
C ASN C 153 15.16 -33.54 21.19
N LEU C 154 13.93 -33.03 21.23
CA LEU C 154 13.03 -33.23 22.37
C LEU C 154 11.64 -33.48 21.80
N SER C 155 11.24 -34.75 21.75
CA SER C 155 9.98 -35.15 21.13
C SER C 155 8.76 -34.81 21.98
N SER C 156 8.95 -34.38 23.23
CA SER C 156 7.84 -34.09 24.12
C SER C 156 7.33 -32.66 24.01
N LEU C 157 7.87 -31.87 23.08
CA LEU C 157 7.40 -30.51 22.90
C LEU C 157 5.99 -30.52 22.32
N ARG C 158 5.03 -29.97 23.07
CA ARG C 158 3.64 -29.88 22.66
C ARG C 158 3.14 -28.46 22.86
N SER C 159 2.07 -28.13 22.14
CA SER C 159 1.42 -26.82 22.21
C SER C 159 2.41 -25.71 21.89
N VAL C 160 2.94 -25.75 20.66
CA VAL C 160 3.92 -24.80 20.18
C VAL C 160 3.19 -23.73 19.37
N SER C 161 3.35 -22.47 19.77
CA SER C 161 2.64 -21.36 19.17
C SER C 161 3.63 -20.35 18.61
N LEU C 162 3.33 -19.85 17.40
CA LEU C 162 4.18 -18.89 16.70
C LEU C 162 3.36 -17.69 16.24
N ALA C 163 2.54 -17.16 17.15
CA ALA C 163 1.66 -16.04 16.81
C ALA C 163 2.45 -14.74 16.82
N GLY C 164 2.51 -14.08 15.66
CA GLY C 164 3.20 -12.81 15.55
C GLY C 164 4.71 -12.94 15.48
N ASN C 165 5.21 -13.67 14.50
CA ASN C 165 6.64 -13.86 14.32
C ASN C 165 6.96 -13.93 12.83
N THR C 166 8.24 -13.73 12.50
CA THR C 166 8.69 -13.55 11.13
C THR C 166 9.17 -14.87 10.54
N ILE C 167 8.21 -15.75 10.25
CA ILE C 167 8.47 -17.03 9.59
C ILE C 167 8.26 -16.84 8.10
N MET C 168 9.30 -17.09 7.31
CA MET C 168 9.23 -17.02 5.86
C MET C 168 9.05 -18.39 5.22
N ARG C 169 9.87 -19.36 5.62
CA ARG C 169 9.87 -20.69 5.01
C ARG C 169 9.97 -21.75 6.09
N LEU C 170 9.49 -22.94 5.78
CA LEU C 170 9.62 -24.10 6.66
C LEU C 170 10.36 -25.20 5.90
N ASP C 171 11.38 -25.77 6.54
CA ASP C 171 12.23 -26.78 5.94
C ASP C 171 11.96 -28.13 6.59
N ASP C 172 12.65 -29.15 6.08
CA ASP C 172 12.53 -30.51 6.62
C ASP C 172 13.46 -30.74 7.80
N SER C 173 14.59 -30.05 7.86
CA SER C 173 15.54 -30.20 8.96
C SER C 173 15.19 -29.36 10.18
N VAL C 174 14.16 -28.52 10.09
CA VAL C 174 13.78 -27.67 11.21
C VAL C 174 12.79 -28.36 12.16
N PHE C 175 12.07 -29.37 11.70
CA PHE C 175 11.07 -30.06 12.50
C PHE C 175 11.59 -31.38 13.06
N GLU C 176 12.89 -31.66 12.95
CA GLU C 176 13.44 -32.89 13.49
C GLU C 176 13.37 -32.87 15.02
N GLY C 177 13.15 -34.04 15.60
CA GLY C 177 13.00 -34.12 17.05
C GLY C 177 11.69 -33.57 17.57
N LEU C 178 10.65 -33.54 16.74
CA LEU C 178 9.35 -32.98 17.09
C LEU C 178 8.25 -33.95 16.66
N GLU C 179 8.40 -35.21 17.05
CA GLU C 179 7.61 -36.30 16.51
C GLU C 179 6.12 -36.18 16.80
N ARG C 180 5.72 -35.37 17.78
CA ARG C 180 4.31 -35.31 18.16
C ARG C 180 3.66 -33.99 17.78
N LEU C 181 4.16 -32.86 18.28
CA LEU C 181 3.65 -31.53 17.94
C LEU C 181 2.12 -31.49 18.05
N ARG C 182 1.64 -31.66 19.27
CA ARG C 182 0.21 -31.89 19.51
C ARG C 182 -0.64 -30.71 19.04
N GLU C 183 -0.30 -29.49 19.48
CA GLU C 183 -1.11 -28.31 19.24
C GLU C 183 -0.33 -27.30 18.42
N LEU C 184 -0.97 -26.70 17.43
CA LEU C 184 -0.33 -25.79 16.49
C LEU C 184 -1.01 -24.43 16.49
N ASP C 185 -0.21 -23.38 16.50
CA ASP C 185 -0.68 -22.00 16.37
C ASP C 185 0.30 -21.29 15.44
N LEU C 186 -0.11 -21.08 14.19
CA LEU C 186 0.72 -20.47 13.16
C LEU C 186 0.15 -19.12 12.71
N GLN C 187 -0.35 -18.34 13.67
CA GLN C 187 -0.96 -17.05 13.34
C GLN C 187 0.10 -16.02 12.99
N ARG C 188 -0.27 -15.10 12.09
CA ARG C 188 0.56 -13.96 11.72
C ARG C 188 1.92 -14.39 11.18
N ASN C 189 1.93 -15.49 10.43
CA ASN C 189 3.15 -16.03 9.83
C ASN C 189 3.02 -16.07 8.33
N TYR C 190 4.02 -15.53 7.63
CA TYR C 190 3.96 -15.36 6.18
C TYR C 190 4.71 -16.51 5.53
N ILE C 191 4.02 -17.65 5.39
CA ILE C 191 4.61 -18.85 4.80
C ILE C 191 4.23 -18.88 3.33
N PHE C 192 5.20 -18.62 2.45
CA PHE C 192 4.97 -18.57 1.02
C PHE C 192 5.60 -19.73 0.25
N GLU C 193 6.63 -20.39 0.82
CA GLU C 193 7.24 -21.55 0.20
C GLU C 193 7.30 -22.67 1.23
N ILE C 194 6.80 -23.84 0.85
CA ILE C 194 6.81 -25.03 1.71
C ILE C 194 7.48 -26.16 0.95
N GLU C 195 8.46 -26.80 1.58
CA GLU C 195 9.12 -27.94 0.98
C GLU C 195 8.16 -29.12 0.89
N GLY C 196 8.24 -29.86 -0.21
CA GLY C 196 7.38 -31.02 -0.41
C GLY C 196 7.54 -32.06 0.67
N GLY C 197 6.49 -32.27 1.46
CA GLY C 197 6.56 -33.19 2.58
C GLY C 197 7.17 -32.59 3.82
N ALA C 198 6.82 -31.34 4.14
CA ALA C 198 7.37 -30.70 5.32
C ALA C 198 6.96 -31.41 6.60
N PHE C 199 5.70 -31.83 6.68
CA PHE C 199 5.20 -32.54 7.86
C PHE C 199 5.40 -34.03 7.64
N ASP C 200 6.57 -34.52 8.04
CA ASP C 200 6.94 -35.92 7.88
C ASP C 200 7.19 -36.53 9.25
N GLY C 201 6.62 -37.72 9.47
CA GLY C 201 6.75 -38.38 10.75
C GLY C 201 6.04 -37.68 11.89
N LEU C 202 4.90 -37.04 11.62
CA LEU C 202 4.10 -36.36 12.62
C LEU C 202 2.67 -36.87 12.54
N ALA C 203 2.09 -37.23 13.69
CA ALA C 203 0.76 -37.82 13.74
C ALA C 203 -0.25 -36.97 14.47
N GLU C 204 0.06 -36.51 15.69
CA GLU C 204 -0.88 -35.72 16.49
C GLU C 204 -0.97 -34.32 15.89
N LEU C 205 -1.77 -34.19 14.84
CA LEU C 205 -1.98 -32.94 14.13
C LEU C 205 -3.47 -32.62 14.03
N ARG C 206 -4.16 -32.73 15.17
CA ARG C 206 -5.60 -32.49 15.18
C ARG C 206 -5.92 -31.03 14.86
N HIS C 207 -5.16 -30.09 15.41
CA HIS C 207 -5.43 -28.67 15.24
C HIS C 207 -4.35 -28.04 14.35
N LEU C 208 -4.79 -27.22 13.40
CA LEU C 208 -3.87 -26.51 12.51
C LEU C 208 -4.55 -25.20 12.11
N ASN C 209 -4.05 -24.08 12.62
CA ASN C 209 -4.63 -22.77 12.37
C ASN C 209 -3.50 -21.83 11.93
N LEU C 210 -3.19 -21.85 10.64
CA LEU C 210 -2.22 -20.93 10.04
C LEU C 210 -2.92 -19.71 9.43
N ALA C 211 -3.76 -19.05 10.23
CA ALA C 211 -4.54 -17.92 9.77
C ALA C 211 -3.64 -16.71 9.50
N PHE C 212 -4.18 -15.77 8.72
CA PHE C 212 -3.48 -14.53 8.36
C PHE C 212 -2.15 -14.82 7.67
N ASN C 213 -2.15 -15.81 6.78
CA ASN C 213 -0.98 -16.21 6.01
C ASN C 213 -1.19 -15.85 4.55
N ASN C 214 -0.09 -15.88 3.80
CA ASN C 214 -0.12 -15.63 2.35
C ASN C 214 0.62 -16.75 1.64
N LEU C 215 -0.08 -17.86 1.38
CA LEU C 215 0.45 -18.97 0.61
C LEU C 215 -0.32 -19.12 -0.69
N PRO C 216 0.35 -19.14 -1.83
CA PRO C 216 -0.36 -19.11 -3.12
C PRO C 216 -1.27 -20.30 -3.35
N CYS C 217 -0.72 -21.51 -3.29
CA CYS C 217 -1.46 -22.72 -3.65
C CYS C 217 -1.05 -23.88 -2.75
N ILE C 218 -2.02 -24.71 -2.40
CA ILE C 218 -1.79 -25.96 -1.70
C ILE C 218 -2.56 -27.06 -2.44
N VAL C 219 -1.83 -28.08 -2.91
CA VAL C 219 -2.42 -29.08 -3.79
C VAL C 219 -2.17 -30.48 -3.25
N ASP C 220 -1.34 -30.59 -2.21
CA ASP C 220 -1.01 -31.89 -1.63
C ASP C 220 -1.28 -31.85 -0.13
N PHE C 221 -1.94 -32.88 0.39
CA PHE C 221 -2.24 -33.04 1.81
C PHE C 221 -1.60 -34.36 2.26
N GLY C 222 -0.35 -34.28 2.73
CA GLY C 222 0.35 -35.44 3.23
C GLY C 222 -0.01 -35.82 4.65
N LEU C 223 -0.87 -35.05 5.31
CA LEU C 223 -1.24 -35.34 6.69
C LEU C 223 -2.09 -36.61 6.76
N THR C 224 -1.84 -37.43 7.77
CA THR C 224 -2.59 -38.66 7.99
C THR C 224 -3.58 -38.57 9.14
N ARG C 225 -3.44 -37.59 10.03
CA ARG C 225 -4.36 -37.42 11.16
C ARG C 225 -4.55 -35.93 11.40
N LEU C 226 -5.61 -35.38 10.81
CA LEU C 226 -5.97 -33.98 10.98
C LEU C 226 -7.47 -33.89 11.29
N ARG C 227 -7.83 -32.90 12.11
CA ARG C 227 -9.22 -32.71 12.52
C ARG C 227 -9.80 -31.40 12.04
N VAL C 228 -9.11 -30.28 12.27
CA VAL C 228 -9.62 -28.95 11.92
C VAL C 228 -8.59 -28.24 11.05
N LEU C 229 -9.08 -27.57 10.01
CA LEU C 229 -8.24 -26.76 9.13
C LEU C 229 -8.86 -25.37 9.06
N ASN C 230 -8.18 -24.39 9.65
CA ASN C 230 -8.68 -23.03 9.79
C ASN C 230 -8.03 -22.06 8.80
N VAL C 231 -7.84 -22.48 7.56
CA VAL C 231 -7.21 -21.64 6.55
C VAL C 231 -8.19 -20.53 6.18
N SER C 232 -8.00 -19.35 6.77
CA SER C 232 -8.89 -18.21 6.54
C SER C 232 -8.05 -16.94 6.49
N TYR C 233 -8.62 -15.92 5.84
CA TYR C 233 -7.95 -14.64 5.63
C TYR C 233 -6.60 -14.83 4.93
N ASN C 234 -6.58 -15.72 3.94
CA ASN C 234 -5.37 -16.05 3.20
C ASN C 234 -5.65 -15.97 1.71
N VAL C 235 -4.60 -15.73 0.93
CA VAL C 235 -4.72 -15.53 -0.51
C VAL C 235 -4.37 -16.84 -1.19
N LEU C 236 -5.40 -17.63 -1.50
CA LEU C 236 -5.24 -18.87 -2.26
C LEU C 236 -5.74 -18.66 -3.69
N GLU C 237 -5.09 -19.32 -4.63
CA GLU C 237 -5.35 -19.09 -6.05
C GLU C 237 -5.81 -20.33 -6.82
N TRP C 238 -5.49 -21.53 -6.35
CA TRP C 238 -6.19 -22.75 -6.74
C TRP C 238 -6.18 -23.75 -5.59
N PHE C 239 -7.12 -24.69 -5.67
CA PHE C 239 -7.22 -25.79 -4.71
C PHE C 239 -7.33 -27.09 -5.50
N LEU C 240 -6.29 -27.90 -5.47
CA LEU C 240 -6.21 -29.14 -6.23
C LEU C 240 -5.72 -30.28 -5.35
N ALA C 241 -6.34 -30.41 -4.18
CA ALA C 241 -5.94 -31.45 -3.24
C ALA C 241 -6.12 -32.84 -3.84
N THR C 242 -5.10 -33.67 -3.67
CA THR C 242 -5.14 -35.02 -4.21
C THR C 242 -6.05 -35.92 -3.38
N GLY C 243 -6.55 -36.97 -4.03
CA GLY C 243 -7.42 -37.93 -3.38
C GLY C 243 -6.85 -39.35 -3.48
N GLY C 244 -7.65 -40.29 -3.00
CA GLY C 244 -7.25 -41.69 -3.03
C GLY C 244 -8.18 -42.53 -2.19
N GLU C 245 -7.73 -43.75 -1.89
CA GLU C 245 -8.51 -44.68 -1.09
C GLU C 245 -8.41 -44.40 0.41
N ALA C 246 -7.53 -43.48 0.82
CA ALA C 246 -7.39 -43.13 2.24
C ALA C 246 -8.51 -42.16 2.62
N ALA C 247 -9.33 -42.55 3.60
CA ALA C 247 -10.45 -41.73 4.04
C ALA C 247 -9.95 -40.75 5.09
N PHE C 248 -9.84 -39.48 4.70
CA PHE C 248 -9.44 -38.44 5.65
C PHE C 248 -10.53 -38.21 6.67
N GLU C 249 -10.12 -37.91 7.91
CA GLU C 249 -11.03 -37.75 9.03
C GLU C 249 -11.11 -36.31 9.53
N LEU C 250 -10.69 -35.34 8.73
CA LEU C 250 -10.79 -33.94 9.13
C LEU C 250 -12.26 -33.50 9.11
N GLU C 251 -12.70 -32.92 10.23
CA GLU C 251 -14.11 -32.56 10.40
C GLU C 251 -14.39 -31.09 10.13
N THR C 252 -13.37 -30.31 9.76
CA THR C 252 -13.57 -28.89 9.52
C THR C 252 -12.63 -28.42 8.41
N LEU C 253 -13.20 -27.79 7.39
CA LEU C 253 -12.43 -27.19 6.30
C LEU C 253 -12.84 -25.74 6.17
N ASP C 254 -11.86 -24.84 6.25
CA ASP C 254 -12.10 -23.41 6.12
C ASP C 254 -11.31 -22.89 4.93
N LEU C 255 -11.97 -22.13 4.06
CA LEU C 255 -11.33 -21.49 2.92
C LEU C 255 -11.86 -20.07 2.74
N SER C 256 -12.07 -19.38 3.85
CA SER C 256 -12.64 -18.04 3.80
C SER C 256 -11.65 -17.02 3.26
N HIS C 257 -12.17 -15.98 2.61
CA HIS C 257 -11.38 -14.88 2.07
C HIS C 257 -10.33 -15.38 1.07
N ASN C 258 -10.71 -16.37 0.26
CA ASN C 258 -9.81 -16.97 -0.71
C ASN C 258 -10.23 -16.61 -2.13
N GLN C 259 -9.24 -16.33 -2.98
CA GLN C 259 -9.49 -15.93 -4.36
C GLN C 259 -9.34 -17.14 -5.29
N LEU C 260 -10.31 -18.05 -5.19
CA LEU C 260 -10.34 -19.23 -6.05
C LEU C 260 -10.88 -18.87 -7.42
N LEU C 261 -11.04 -19.90 -8.26
CA LEU C 261 -11.73 -19.76 -9.54
C LEU C 261 -12.71 -20.88 -9.83
N PHE C 262 -12.58 -22.04 -9.20
CA PHE C 262 -13.48 -23.17 -9.42
C PHE C 262 -13.76 -23.83 -8.07
N PHE C 263 -14.82 -24.63 -8.04
CA PHE C 263 -15.23 -25.28 -6.80
C PHE C 263 -14.11 -26.18 -6.28
N PRO C 264 -13.67 -26.01 -5.03
CA PRO C 264 -12.60 -26.86 -4.49
C PRO C 264 -13.08 -28.26 -4.14
N LEU C 265 -13.09 -29.15 -5.13
CA LEU C 265 -13.56 -30.51 -4.90
C LEU C 265 -12.69 -31.22 -3.86
N LEU C 266 -13.35 -31.92 -2.93
CA LEU C 266 -12.70 -32.67 -1.89
C LEU C 266 -12.51 -34.12 -2.31
N PRO C 267 -11.60 -34.85 -1.65
CA PRO C 267 -11.46 -36.30 -1.93
C PRO C 267 -12.71 -37.08 -1.58
N GLN C 268 -12.70 -38.38 -1.87
CA GLN C 268 -13.87 -39.23 -1.74
C GLN C 268 -14.20 -39.61 -0.31
N TYR C 269 -13.53 -39.02 0.68
CA TYR C 269 -13.84 -39.35 2.07
C TYR C 269 -15.18 -38.74 2.47
N SER C 270 -15.83 -39.38 3.45
CA SER C 270 -17.14 -38.97 3.93
C SER C 270 -17.10 -38.60 5.41
N LYS C 271 -15.96 -38.15 5.90
CA LYS C 271 -15.80 -37.75 7.30
C LYS C 271 -15.57 -36.24 7.32
N LEU C 272 -16.68 -35.49 7.46
CA LEU C 272 -16.63 -34.03 7.52
C LEU C 272 -17.99 -33.54 7.98
N ARG C 273 -17.99 -32.53 8.85
CA ARG C 273 -19.22 -32.03 9.44
C ARG C 273 -19.50 -30.56 9.17
N THR C 274 -18.47 -29.73 8.95
CA THR C 274 -18.66 -28.31 8.72
C THR C 274 -17.70 -27.82 7.66
N LEU C 275 -18.10 -26.76 6.95
CA LEU C 275 -17.31 -26.20 5.87
C LEU C 275 -17.64 -24.72 5.72
N LEU C 276 -16.61 -23.90 5.52
CA LEU C 276 -16.76 -22.46 5.36
C LEU C 276 -16.08 -22.04 4.07
N LEU C 277 -16.83 -21.40 3.17
CA LEU C 277 -16.30 -20.91 1.91
C LEU C 277 -16.82 -19.51 1.61
N ARG C 278 -16.91 -18.68 2.65
CA ARG C 278 -17.40 -17.31 2.48
C ARG C 278 -16.30 -16.41 1.92
N ASP C 279 -16.74 -15.29 1.34
CA ASP C 279 -15.84 -14.29 0.77
C ASP C 279 -14.90 -14.90 -0.27
N ASN C 280 -15.46 -15.71 -1.15
CA ASN C 280 -14.72 -16.37 -2.21
C ASN C 280 -15.32 -16.02 -3.57
N ASN C 281 -14.58 -16.32 -4.62
CA ASN C 281 -15.02 -16.07 -6.00
C ASN C 281 -14.89 -17.37 -6.79
N MET C 282 -16.01 -17.94 -7.20
CA MET C 282 -16.04 -19.10 -8.07
C MET C 282 -16.75 -18.74 -9.37
N GLY C 283 -16.11 -19.05 -10.49
CA GLY C 283 -16.71 -18.80 -11.79
C GLY C 283 -17.08 -20.09 -12.50
N PHE C 284 -18.38 -20.35 -12.63
CA PHE C 284 -18.87 -21.59 -13.25
C PHE C 284 -18.98 -21.40 -14.76
N TYR C 285 -17.80 -21.37 -15.40
CA TYR C 285 -17.75 -21.23 -16.85
C TYR C 285 -16.78 -22.25 -17.46
N LEU C 325 -18.87 -38.03 0.49
CA LEU C 325 -19.13 -36.92 1.40
C LEU C 325 -20.63 -36.84 1.74
N ALA C 326 -21.04 -37.64 2.72
CA ALA C 326 -22.44 -37.68 3.15
C ALA C 326 -22.64 -37.15 4.56
N ASP C 327 -21.57 -36.99 5.34
CA ASP C 327 -21.68 -36.49 6.71
C ASP C 327 -21.81 -34.96 6.76
N LEU C 328 -21.50 -34.27 5.66
CA LEU C 328 -21.54 -32.82 5.64
C LEU C 328 -22.92 -32.30 6.01
N ARG C 329 -22.97 -31.35 6.95
CA ARG C 329 -24.22 -30.78 7.42
C ARG C 329 -24.18 -29.28 7.63
N PHE C 330 -23.06 -28.61 7.34
CA PHE C 330 -22.93 -27.17 7.52
C PHE C 330 -22.38 -26.56 6.25
N LEU C 331 -23.04 -25.53 5.74
CA LEU C 331 -22.63 -24.85 4.51
C LEU C 331 -22.65 -23.35 4.73
N ASP C 332 -21.58 -22.68 4.28
CA ASP C 332 -21.50 -21.22 4.36
C ASP C 332 -20.70 -20.76 3.14
N MET C 333 -21.41 -20.41 2.07
CA MET C 333 -20.81 -20.03 0.79
C MET C 333 -21.42 -18.72 0.30
N SER C 334 -21.50 -17.73 1.18
CA SER C 334 -22.06 -16.44 0.83
C SER C 334 -21.05 -15.61 0.04
N GLN C 335 -21.55 -14.53 -0.56
CA GLN C 335 -20.74 -13.59 -1.35
C GLN C 335 -20.00 -14.32 -2.48
N ASN C 336 -20.79 -14.89 -3.39
CA ASN C 336 -20.24 -15.61 -4.53
C ASN C 336 -20.88 -15.17 -5.83
N GLN C 337 -20.59 -15.88 -6.91
CA GLN C 337 -21.14 -15.55 -8.23
C GLN C 337 -21.94 -16.72 -8.78
N PHE C 338 -22.79 -17.32 -7.95
CA PHE C 338 -23.59 -18.46 -8.36
C PHE C 338 -24.56 -18.10 -9.48
N GLN C 339 -24.32 -18.65 -10.67
CA GLN C 339 -25.19 -18.46 -11.82
C GLN C 339 -25.95 -19.72 -12.20
N TYR C 340 -25.25 -20.85 -12.34
CA TYR C 340 -25.87 -22.12 -12.66
C TYR C 340 -25.37 -23.17 -11.68
N LEU C 341 -26.30 -23.95 -11.13
CA LEU C 341 -25.97 -24.97 -10.14
C LEU C 341 -26.12 -26.35 -10.75
N PRO C 342 -25.10 -27.20 -10.66
CA PRO C 342 -25.21 -28.54 -11.22
C PRO C 342 -26.09 -29.44 -10.37
N ASP C 343 -26.73 -30.40 -11.03
CA ASP C 343 -27.60 -31.35 -10.32
C ASP C 343 -26.81 -32.22 -9.38
N GLY C 344 -25.63 -32.69 -9.81
CA GLY C 344 -24.82 -33.56 -8.97
C GLY C 344 -24.34 -32.90 -7.70
N PHE C 345 -24.06 -31.59 -7.76
CA PHE C 345 -23.55 -30.89 -6.59
C PHE C 345 -24.52 -30.95 -5.42
N LEU C 346 -25.82 -31.02 -5.70
CA LEU C 346 -26.82 -31.19 -4.66
C LEU C 346 -27.28 -32.63 -4.48
N ARG C 347 -27.13 -33.46 -5.52
CA ARG C 347 -27.55 -34.86 -5.41
C ARG C 347 -26.58 -35.69 -4.58
N LYS C 348 -25.28 -35.38 -4.66
CA LYS C 348 -24.25 -36.16 -3.98
C LYS C 348 -24.01 -35.70 -2.54
N MET C 349 -24.96 -34.99 -1.94
CA MET C 349 -24.83 -34.50 -0.57
C MET C 349 -26.07 -34.89 0.22
N PRO C 350 -26.10 -36.11 0.76
CA PRO C 350 -27.17 -36.48 1.67
C PRO C 350 -26.97 -35.89 3.07
N SER C 351 -28.09 -35.77 3.78
CA SER C 351 -28.11 -35.48 5.23
C SER C 351 -27.39 -34.15 5.54
N LEU C 352 -27.96 -33.07 5.02
CA LEU C 352 -27.51 -31.74 5.36
C LEU C 352 -28.31 -31.17 6.53
N SER C 353 -27.74 -30.16 7.17
CA SER C 353 -28.41 -29.48 8.27
C SER C 353 -28.31 -27.96 8.23
N HIS C 354 -27.43 -27.38 7.42
CA HIS C 354 -27.25 -25.93 7.39
C HIS C 354 -26.90 -25.50 5.98
N LEU C 355 -27.17 -24.22 5.70
CA LEU C 355 -26.88 -23.64 4.40
C LEU C 355 -26.84 -22.12 4.53
N ASN C 356 -25.97 -21.49 3.73
CA ASN C 356 -25.86 -20.04 3.72
C ASN C 356 -25.41 -19.63 2.32
N LEU C 357 -26.36 -19.16 1.51
CA LEU C 357 -26.10 -18.76 0.13
C LEU C 357 -26.76 -17.42 -0.17
N HIS C 358 -26.56 -16.46 0.74
CA HIS C 358 -27.14 -15.14 0.56
C HIS C 358 -26.14 -14.19 -0.11
N GLN C 359 -26.62 -13.00 -0.44
CA GLN C 359 -25.90 -11.97 -1.22
C GLN C 359 -25.08 -12.59 -2.35
N ASN C 360 -25.79 -13.29 -3.23
CA ASN C 360 -25.21 -13.87 -4.43
C ASN C 360 -26.05 -13.49 -5.64
N CYS C 361 -25.39 -13.34 -6.78
CA CYS C 361 -26.06 -12.93 -8.01
C CYS C 361 -26.65 -14.16 -8.70
N LEU C 362 -27.71 -14.69 -8.09
CA LEU C 362 -28.42 -15.84 -8.60
C LEU C 362 -29.69 -15.40 -9.30
N MET C 363 -29.99 -16.03 -10.43
CA MET C 363 -31.16 -15.70 -11.22
C MET C 363 -32.07 -16.90 -11.48
N THR C 364 -31.49 -18.09 -11.65
CA THR C 364 -32.26 -19.30 -11.92
C THR C 364 -32.24 -20.21 -10.70
N LEU C 365 -33.42 -20.65 -10.28
CA LEU C 365 -33.58 -21.54 -9.14
C LEU C 365 -34.53 -22.68 -9.49
N HIS C 366 -34.32 -23.28 -10.67
CA HIS C 366 -35.15 -24.40 -11.10
C HIS C 366 -34.91 -25.60 -10.19
N ILE C 367 -35.99 -26.30 -9.86
CA ILE C 367 -35.95 -27.44 -8.95
C ILE C 367 -36.43 -28.67 -9.70
N ARG C 368 -35.55 -29.65 -9.86
CA ARG C 368 -35.88 -30.92 -10.48
C ARG C 368 -35.36 -32.13 -9.72
N GLU C 369 -34.35 -31.99 -8.88
CA GLU C 369 -33.81 -33.10 -8.11
C GLU C 369 -34.83 -33.55 -7.06
N HIS C 370 -34.74 -34.82 -6.68
CA HIS C 370 -35.66 -35.38 -5.70
C HIS C 370 -35.58 -34.63 -4.38
N GLU C 371 -34.37 -34.43 -3.85
CA GLU C 371 -34.15 -33.65 -2.63
C GLU C 371 -33.01 -32.66 -2.87
N PRO C 372 -33.27 -31.61 -3.64
CA PRO C 372 -32.19 -30.65 -3.97
C PRO C 372 -31.68 -29.87 -2.77
N PRO C 373 -32.55 -29.33 -1.87
CA PRO C 373 -32.01 -28.91 -0.57
C PRO C 373 -31.97 -30.04 0.44
N GLY C 374 -32.87 -31.01 0.30
CA GLY C 374 -32.96 -32.11 1.25
C GLY C 374 -33.61 -31.70 2.56
N ALA C 375 -32.82 -31.68 3.64
CA ALA C 375 -33.29 -31.29 4.96
C ALA C 375 -32.45 -30.13 5.46
N LEU C 376 -33.11 -29.08 5.95
CA LEU C 376 -32.44 -27.89 6.43
C LEU C 376 -32.95 -27.50 7.81
N THR C 377 -32.11 -26.77 8.54
CA THR C 377 -32.49 -26.14 9.79
C THR C 377 -32.41 -24.62 9.74
N GLU C 378 -31.82 -24.05 8.70
CA GLU C 378 -31.77 -22.60 8.53
C GLU C 378 -31.54 -22.28 7.06
N LEU C 379 -32.04 -21.14 6.63
CA LEU C 379 -31.83 -20.66 5.26
C LEU C 379 -31.74 -19.15 5.27
N ASP C 380 -30.67 -18.61 4.68
CA ASP C 380 -30.48 -17.18 4.53
C ASP C 380 -30.28 -16.88 3.06
N LEU C 381 -31.17 -16.06 2.49
CA LEU C 381 -31.16 -15.74 1.07
C LEU C 381 -31.31 -14.25 0.85
N SER C 382 -30.67 -13.44 1.70
CA SER C 382 -30.73 -11.99 1.56
C SER C 382 -29.93 -11.55 0.34
N HIS C 383 -30.36 -10.44 -0.26
CA HIS C 383 -29.72 -9.84 -1.43
C HIS C 383 -29.62 -10.83 -2.58
N ASN C 384 -30.79 -11.32 -3.01
CA ASN C 384 -30.90 -12.23 -4.14
C ASN C 384 -31.90 -11.66 -5.14
N GLN C 385 -31.48 -11.54 -6.40
CA GLN C 385 -32.30 -10.96 -7.45
C GLN C 385 -32.81 -12.04 -8.42
N LEU C 386 -33.12 -13.22 -7.90
CA LEU C 386 -33.68 -14.27 -8.73
C LEU C 386 -35.07 -13.90 -9.22
N SER C 387 -35.39 -14.32 -10.43
CA SER C 387 -36.67 -13.97 -11.04
C SER C 387 -37.83 -14.64 -10.32
N GLU C 388 -37.86 -15.97 -10.33
CA GLU C 388 -38.94 -16.72 -9.69
C GLU C 388 -38.43 -18.11 -9.33
N LEU C 389 -38.98 -18.65 -8.26
CA LEU C 389 -38.65 -20.00 -7.80
C LEU C 389 -39.92 -20.85 -7.81
N HIS C 390 -39.80 -22.06 -8.35
CA HIS C 390 -40.92 -23.00 -8.41
C HIS C 390 -40.41 -24.39 -8.08
N LEU C 391 -41.22 -25.17 -7.37
CA LEU C 391 -40.80 -26.53 -7.01
C LEU C 391 -40.91 -27.46 -8.22
N ALA C 392 -42.13 -27.71 -8.68
CA ALA C 392 -42.44 -28.47 -9.89
C ALA C 392 -43.94 -28.49 -10.10
N PRO C 393 -44.42 -28.65 -11.33
CA PRO C 393 -45.88 -28.80 -11.54
C PRO C 393 -46.46 -29.99 -10.79
N GLY C 394 -45.73 -31.10 -10.71
CA GLY C 394 -46.24 -32.30 -10.07
C GLY C 394 -45.28 -32.93 -9.08
N LEU C 395 -44.56 -32.10 -8.32
CA LEU C 395 -43.57 -32.62 -7.38
C LEU C 395 -44.23 -33.43 -6.28
N ALA C 396 -43.62 -34.56 -5.94
CA ALA C 396 -44.05 -35.37 -4.81
C ALA C 396 -43.37 -34.82 -3.56
N SER C 397 -44.09 -33.95 -2.85
CA SER C 397 -43.61 -33.22 -1.68
C SER C 397 -42.55 -32.20 -2.07
N CYS C 398 -42.48 -31.09 -1.34
CA CYS C 398 -41.56 -30.01 -1.66
C CYS C 398 -40.31 -30.04 -0.79
N LEU C 399 -40.48 -29.98 0.53
CA LEU C 399 -39.37 -30.01 1.46
C LEU C 399 -39.75 -30.84 2.69
N GLY C 400 -38.82 -31.66 3.16
CA GLY C 400 -39.10 -32.48 4.33
C GLY C 400 -39.31 -31.66 5.58
N SER C 401 -38.43 -30.68 5.83
CA SER C 401 -38.54 -29.83 7.00
C SER C 401 -37.81 -28.52 6.73
N LEU C 402 -38.20 -27.49 7.48
CA LEU C 402 -37.58 -26.18 7.36
C LEU C 402 -37.88 -25.38 8.62
N ARG C 403 -36.89 -24.63 9.10
CA ARG C 403 -37.04 -23.80 10.29
C ARG C 403 -36.90 -22.32 9.99
N LEU C 404 -35.83 -21.92 9.30
CA LEU C 404 -35.59 -20.53 8.96
C LEU C 404 -35.69 -20.34 7.45
N PHE C 405 -36.35 -19.26 7.04
CA PHE C 405 -36.55 -18.93 5.62
C PHE C 405 -36.24 -17.46 5.38
N ASN C 406 -35.09 -17.01 5.88
CA ASN C 406 -34.70 -15.61 5.72
C ASN C 406 -34.34 -15.31 4.27
N LEU C 407 -34.86 -14.19 3.77
CA LEU C 407 -34.50 -13.70 2.44
C LEU C 407 -34.82 -12.20 2.39
N SER C 408 -34.00 -11.46 1.65
CA SER C 408 -34.14 -10.01 1.60
C SER C 408 -33.64 -9.51 0.24
N SER C 409 -34.07 -8.29 -0.10
CA SER C 409 -33.70 -7.62 -1.34
C SER C 409 -34.02 -8.49 -2.56
N ASN C 410 -35.30 -8.82 -2.69
CA ASN C 410 -35.78 -9.69 -3.74
C ASN C 410 -36.76 -8.95 -4.65
N GLN C 411 -37.02 -9.54 -5.81
CA GLN C 411 -37.95 -8.99 -6.80
C GLN C 411 -38.92 -10.08 -7.27
N LEU C 412 -39.46 -10.83 -6.31
CA LEU C 412 -40.40 -11.92 -6.62
C LEU C 412 -41.77 -11.32 -6.92
N LEU C 413 -42.03 -11.09 -8.20
CA LEU C 413 -43.35 -10.63 -8.61
C LEU C 413 -44.41 -11.68 -8.37
N GLY C 414 -44.11 -12.95 -8.65
CA GLY C 414 -45.05 -14.02 -8.43
C GLY C 414 -44.87 -14.69 -7.08
N VAL C 415 -45.93 -15.34 -6.62
CA VAL C 415 -45.97 -16.05 -5.35
C VAL C 415 -46.11 -17.54 -5.63
N PRO C 416 -45.15 -18.37 -5.25
CA PRO C 416 -45.27 -19.82 -5.47
C PRO C 416 -46.35 -20.40 -4.58
N PRO C 417 -47.31 -21.15 -5.16
CA PRO C 417 -48.40 -21.68 -4.35
C PRO C 417 -48.00 -22.91 -3.53
N GLY C 418 -47.13 -23.74 -4.07
CA GLY C 418 -46.71 -24.95 -3.41
C GLY C 418 -45.59 -24.80 -2.39
N LEU C 419 -45.04 -23.59 -2.24
CA LEU C 419 -43.93 -23.40 -1.31
C LEU C 419 -44.38 -23.54 0.14
N PHE C 420 -45.60 -23.13 0.45
CA PHE C 420 -46.07 -23.09 1.84
C PHE C 420 -47.01 -24.24 2.20
N ALA C 421 -47.85 -24.69 1.26
CA ALA C 421 -48.83 -25.75 1.55
C ALA C 421 -48.22 -27.13 1.39
N ASN C 422 -47.10 -27.37 2.06
CA ASN C 422 -46.42 -28.66 2.02
C ASN C 422 -46.26 -29.29 3.39
N ALA C 423 -45.81 -28.51 4.38
CA ALA C 423 -45.57 -29.04 5.72
C ALA C 423 -45.85 -27.95 6.74
N ARG C 424 -46.04 -28.37 7.99
CA ARG C 424 -46.36 -27.47 9.09
C ARG C 424 -45.17 -27.21 10.00
N ASN C 425 -43.95 -27.52 9.55
CA ASN C 425 -42.75 -27.36 10.35
C ASN C 425 -42.13 -25.98 10.22
N ILE C 426 -42.65 -25.12 9.36
CA ILE C 426 -42.08 -23.80 9.17
C ILE C 426 -42.30 -22.96 10.42
N THR C 427 -41.23 -22.33 10.91
CA THR C 427 -41.29 -21.55 12.15
C THR C 427 -41.12 -20.06 11.89
N THR C 428 -40.05 -19.66 11.21
CA THR C 428 -39.77 -18.26 10.93
C THR C 428 -39.93 -18.00 9.43
N LEU C 429 -40.80 -17.06 9.09
CA LEU C 429 -41.06 -16.70 7.69
C LEU C 429 -41.14 -15.19 7.59
N ASP C 430 -40.19 -14.58 6.87
CA ASP C 430 -40.14 -13.14 6.72
C ASP C 430 -39.92 -12.79 5.25
N MET C 431 -40.88 -12.08 4.67
CA MET C 431 -40.77 -11.62 3.29
C MET C 431 -40.31 -10.16 3.25
N SER C 432 -39.08 -9.94 3.70
CA SER C 432 -38.50 -8.60 3.70
C SER C 432 -38.01 -8.24 2.31
N HIS C 433 -38.48 -7.09 1.80
CA HIS C 433 -38.13 -6.62 0.46
C HIS C 433 -38.43 -7.69 -0.59
N ASN C 434 -39.60 -8.33 -0.46
CA ASN C 434 -39.98 -9.41 -1.35
C ASN C 434 -41.08 -9.05 -2.33
N GLN C 435 -41.93 -8.06 -2.01
CA GLN C 435 -43.04 -7.64 -2.87
C GLN C 435 -43.97 -8.81 -3.16
N ILE C 436 -44.58 -9.33 -2.10
CA ILE C 436 -45.45 -10.49 -2.18
C ILE C 436 -46.85 -10.04 -2.57
N SER C 437 -47.39 -10.66 -3.63
CA SER C 437 -48.71 -10.32 -4.13
C SER C 437 -49.63 -11.55 -4.08
N LEU C 438 -49.65 -12.24 -2.95
CA LEU C 438 -50.42 -13.47 -2.83
C LEU C 438 -51.89 -13.23 -3.14
N CYS C 439 -52.48 -14.18 -3.86
CA CYS C 439 -53.85 -14.03 -4.32
C CYS C 439 -54.83 -14.06 -3.13
N PRO C 440 -55.87 -13.24 -3.16
CA PRO C 440 -56.90 -13.25 -2.09
C PRO C 440 -57.97 -14.31 -2.35
N LEU C 441 -57.55 -15.58 -2.27
CA LEU C 441 -58.50 -16.68 -2.51
C LEU C 441 -59.66 -16.70 -1.51
N PRO C 442 -59.43 -16.56 -0.19
CA PRO C 442 -60.62 -16.54 0.69
C PRO C 442 -61.43 -15.26 0.54
N PHE C 456 -50.73 -19.31 6.41
CA PHE C 456 -52.03 -18.82 5.99
C PHE C 456 -53.15 -19.62 6.66
N ARG C 457 -53.23 -20.89 6.29
CA ARG C 457 -54.21 -21.81 6.87
C ARG C 457 -53.55 -22.93 7.66
N ASN C 458 -52.54 -23.59 7.09
CA ASN C 458 -51.81 -24.64 7.77
C ASN C 458 -50.64 -24.04 8.54
N MET C 459 -49.71 -24.89 8.98
CA MET C 459 -48.49 -24.50 9.68
C MET C 459 -48.77 -23.51 10.81
N ALA C 460 -49.80 -23.81 11.60
CA ALA C 460 -50.23 -22.95 12.70
C ALA C 460 -49.28 -23.10 13.89
N SER C 461 -48.01 -22.76 13.64
CA SER C 461 -46.98 -22.74 14.66
C SER C 461 -46.13 -21.49 14.51
N LEU C 462 -46.77 -20.36 14.27
CA LEU C 462 -46.06 -19.12 13.98
C LEU C 462 -45.27 -18.65 15.19
N ARG C 463 -44.03 -18.23 14.95
CA ARG C 463 -43.19 -17.65 15.99
C ARG C 463 -42.48 -16.37 15.57
N SER C 464 -42.43 -16.07 14.27
CA SER C 464 -41.81 -14.84 13.78
C SER C 464 -42.33 -14.57 12.37
N LEU C 465 -42.67 -13.31 12.11
CA LEU C 465 -43.20 -12.92 10.81
C LEU C 465 -43.00 -11.43 10.62
N SER C 466 -42.73 -11.02 9.39
CA SER C 466 -42.58 -9.61 9.03
C SER C 466 -43.19 -9.38 7.65
N LEU C 467 -43.68 -8.16 7.44
CA LEU C 467 -44.31 -7.77 6.19
C LEU C 467 -43.65 -6.51 5.62
N GLU C 468 -42.32 -6.47 5.64
CA GLU C 468 -41.57 -5.31 5.16
C GLU C 468 -41.53 -5.34 3.64
N GLY C 469 -41.97 -4.25 3.02
CA GLY C 469 -41.94 -4.15 1.56
C GLY C 469 -42.78 -5.20 0.86
N CYS C 470 -43.98 -5.47 1.36
CA CYS C 470 -44.83 -6.49 0.78
C CYS C 470 -45.46 -6.07 -0.55
N GLY C 471 -45.55 -4.77 -0.82
CA GLY C 471 -46.17 -4.32 -2.04
C GLY C 471 -47.67 -4.09 -1.91
N LEU C 472 -48.46 -5.08 -2.33
CA LEU C 472 -49.90 -4.99 -2.22
C LEU C 472 -50.31 -4.90 -0.75
N GLY C 473 -51.36 -4.13 -0.49
CA GLY C 473 -51.73 -3.79 0.87
C GLY C 473 -52.54 -4.83 1.62
N ALA C 474 -51.88 -5.58 2.50
CA ALA C 474 -52.50 -6.51 3.46
C ALA C 474 -53.43 -7.45 2.70
N LEU C 475 -54.68 -7.63 3.14
CA LEU C 475 -55.61 -8.58 2.56
C LEU C 475 -57.01 -8.11 2.88
N PRO C 476 -57.95 -8.13 1.93
CA PRO C 476 -59.28 -7.56 2.21
C PRO C 476 -60.00 -8.20 3.39
N ASP C 477 -59.89 -9.51 3.56
CA ASP C 477 -60.52 -10.19 4.67
C ASP C 477 -59.47 -10.46 5.76
N CYS C 478 -59.92 -11.09 6.84
CA CYS C 478 -59.04 -11.34 7.98
C CYS C 478 -58.08 -12.47 7.66
N PRO C 479 -56.76 -12.25 7.71
CA PRO C 479 -55.82 -13.33 7.44
C PRO C 479 -55.43 -14.10 8.69
N PHE C 480 -54.62 -15.15 8.54
CA PHE C 480 -54.09 -15.93 9.65
C PHE C 480 -55.22 -16.51 10.50
N GLN C 481 -56.02 -17.36 9.88
CA GLN C 481 -57.15 -18.01 10.54
C GLN C 481 -56.65 -19.26 11.26
N GLY C 482 -56.91 -19.34 12.57
CA GLY C 482 -56.49 -20.49 13.34
C GLY C 482 -54.99 -20.67 13.45
N THR C 483 -54.24 -19.57 13.45
CA THR C 483 -52.79 -19.61 13.60
C THR C 483 -52.38 -18.66 14.72
N SER C 484 -51.53 -19.16 15.63
CA SER C 484 -51.07 -18.37 16.76
C SER C 484 -49.79 -17.64 16.35
N LEU C 485 -49.92 -16.36 16.05
CA LEU C 485 -48.79 -15.51 15.68
C LEU C 485 -48.32 -14.73 16.90
N THR C 486 -47.00 -14.71 17.12
CA THR C 486 -46.41 -14.03 18.27
C THR C 486 -45.61 -12.79 17.89
N TYR C 487 -44.83 -12.85 16.81
CA TYR C 487 -43.99 -11.74 16.39
C TYR C 487 -44.49 -11.22 15.05
N LEU C 488 -44.73 -9.90 14.98
CA LEU C 488 -45.17 -9.25 13.76
C LEU C 488 -44.40 -7.95 13.58
N ASP C 489 -43.99 -7.66 12.35
CA ASP C 489 -43.22 -6.47 12.03
C ASP C 489 -43.80 -5.83 10.77
N LEU C 490 -44.71 -4.87 10.98
CA LEU C 490 -45.31 -4.13 9.87
C LEU C 490 -44.56 -2.83 9.62
N SER C 491 -43.29 -2.97 9.26
CA SER C 491 -42.41 -1.84 9.01
C SER C 491 -42.34 -1.56 7.52
N SER C 492 -42.45 -0.27 7.16
CA SER C 492 -42.39 0.18 5.76
C SER C 492 -43.40 -0.56 4.89
N ASN C 493 -44.65 -0.60 5.35
CA ASN C 493 -45.70 -1.28 4.62
C ASN C 493 -46.21 -0.42 3.46
N TRP C 494 -46.73 0.77 3.78
CA TRP C 494 -47.32 1.68 2.80
C TRP C 494 -48.38 0.96 1.97
N GLY C 495 -49.27 0.26 2.66
CA GLY C 495 -50.33 -0.49 1.99
C GLY C 495 -51.72 -0.05 2.43
N VAL C 496 -52.67 -0.97 2.37
CA VAL C 496 -54.05 -0.70 2.75
C VAL C 496 -54.15 -0.89 4.26
N LEU C 497 -54.10 0.21 5.01
CA LEU C 497 -54.22 0.17 6.46
C LEU C 497 -55.49 0.85 6.95
N ASN C 498 -55.69 2.13 6.58
CA ASN C 498 -56.90 2.89 6.91
C ASN C 498 -57.08 3.06 8.42
N GLY C 499 -56.13 2.60 9.22
CA GLY C 499 -56.25 2.70 10.65
C GLY C 499 -57.26 1.79 11.29
N SER C 500 -57.83 0.85 10.53
CA SER C 500 -58.84 -0.05 11.08
C SER C 500 -58.22 -1.15 11.92
N LEU C 501 -56.97 -1.53 11.64
CA LEU C 501 -56.29 -2.62 12.33
C LEU C 501 -57.09 -3.93 12.22
N ALA C 502 -57.69 -4.15 11.05
CA ALA C 502 -58.45 -5.37 10.83
C ALA C 502 -57.60 -6.63 10.94
N PRO C 503 -56.42 -6.73 10.33
CA PRO C 503 -55.60 -7.94 10.54
C PRO C 503 -55.23 -8.17 11.99
N LEU C 504 -55.02 -7.11 12.76
CA LEU C 504 -54.66 -7.23 14.18
C LEU C 504 -55.92 -7.35 15.04
N GLN C 505 -56.65 -8.45 14.83
CA GLN C 505 -57.88 -8.72 15.55
C GLN C 505 -57.77 -9.96 16.43
N ASP C 506 -57.35 -11.09 15.87
CA ASP C 506 -57.21 -12.34 16.61
C ASP C 506 -55.78 -12.62 17.04
N VAL C 507 -54.86 -11.67 16.83
CA VAL C 507 -53.47 -11.86 17.20
C VAL C 507 -53.01 -10.91 18.30
N ALA C 508 -53.82 -9.92 18.66
CA ALA C 508 -53.44 -9.00 19.72
C ALA C 508 -53.26 -9.67 21.08
N PRO C 509 -54.18 -10.52 21.56
CA PRO C 509 -53.98 -11.13 22.89
C PRO C 509 -52.77 -12.04 22.97
N MET C 510 -52.28 -12.57 21.85
CA MET C 510 -51.13 -13.46 21.83
C MET C 510 -49.98 -12.72 21.15
N LEU C 511 -49.14 -12.06 21.96
CA LEU C 511 -48.00 -11.33 21.44
C LEU C 511 -46.84 -11.44 22.44
N GLN C 512 -45.63 -11.39 21.90
CA GLN C 512 -44.41 -11.37 22.70
C GLN C 512 -43.65 -10.05 22.58
N VAL C 513 -43.33 -9.64 21.36
CA VAL C 513 -42.73 -8.34 21.10
C VAL C 513 -43.22 -7.85 19.74
N LEU C 514 -43.62 -6.59 19.68
CA LEU C 514 -44.17 -6.01 18.46
C LEU C 514 -43.48 -4.68 18.18
N SER C 515 -43.10 -4.47 16.92
CA SER C 515 -42.49 -3.23 16.49
C SER C 515 -42.89 -2.95 15.06
N LEU C 516 -42.96 -1.66 14.71
CA LEU C 516 -43.33 -1.25 13.37
C LEU C 516 -42.82 0.16 13.12
N ARG C 517 -42.74 0.53 11.85
CA ARG C 517 -42.27 1.86 11.47
C ARG C 517 -43.44 2.84 11.42
C1 NAG D . 23.72 27.21 -41.34
C2 NAG D . 24.79 28.10 -41.96
C3 NAG D . 24.57 28.20 -43.46
C4 NAG D . 24.49 26.82 -44.10
C5 NAG D . 23.45 25.96 -43.37
C6 NAG D . 23.42 24.53 -43.85
C7 NAG D . 25.91 30.14 -41.16
C8 NAG D . 25.72 31.47 -40.53
N2 NAG D . 24.80 29.42 -41.35
O3 NAG D . 25.63 28.95 -44.06
O4 NAG D . 24.12 26.92 -45.47
O5 NAG D . 23.74 25.93 -41.96
O6 NAG D . 24.71 23.93 -43.76
O7 NAG D . 27.01 29.72 -41.50
C1 NAG D . 25.27 26.67 -46.30
C2 NAG D . 24.79 26.12 -47.64
C3 NAG D . 25.97 25.91 -48.58
C4 NAG D . 26.79 27.19 -48.70
C5 NAG D . 27.19 27.69 -47.32
C6 NAG D . 27.91 29.02 -47.35
C7 NAG D . 22.87 24.64 -48.02
C8 NAG D . 22.25 23.30 -47.73
N2 NAG D . 24.05 24.88 -47.46
O3 NAG D . 25.49 25.51 -49.86
O4 NAG D . 27.95 26.97 -49.49
O5 NAG D . 26.02 27.87 -46.50
O6 NAG D . 28.27 29.44 -46.04
O7 NAG D . 22.31 25.48 -48.73
C1 BMA D . 27.81 27.71 -50.72
C2 BMA D . 29.21 27.80 -51.38
C3 BMA D . 29.09 28.44 -52.77
C4 BMA D . 27.99 27.77 -53.61
C5 BMA D . 26.66 27.77 -52.83
C6 BMA D . 25.53 27.09 -53.56
O2 BMA D . 29.77 26.51 -51.57
O3 BMA D . 30.32 28.40 -53.47
O4 BMA D . 27.81 28.46 -54.83
O5 BMA D . 26.88 27.07 -51.59
O6 BMA D . 25.45 27.65 -54.87
C1 NAG E . 35.64 7.87 -25.08
C2 NAG E . 36.87 8.20 -25.94
C3 NAG E . 37.79 6.98 -26.03
C4 NAG E . 38.14 6.48 -24.64
C5 NAG E . 36.86 6.21 -23.84
C6 NAG E . 37.13 5.80 -22.40
C7 NAG E . 36.80 9.84 -27.74
C8 NAG E . 36.32 10.15 -29.14
N2 NAG E . 36.48 8.65 -27.26
O3 NAG E . 38.97 7.34 -26.73
O4 NAG E . 38.90 5.27 -24.73
O5 NAG E . 36.06 7.40 -23.79
O6 NAG E . 36.73 6.82 -21.50
O7 NAG E . 37.46 10.65 -27.11
C1 NAG E . 40.24 5.54 -24.28
C2 NAG E . 40.92 4.20 -23.96
C3 NAG E . 42.37 4.44 -23.55
C4 NAG E . 43.10 5.27 -24.60
C5 NAG E . 42.33 6.55 -24.89
C6 NAG E . 42.94 7.36 -26.01
C7 NAG E . 39.36 2.47 -23.20
C8 NAG E . 38.69 1.84 -22.02
N2 NAG E . 40.20 3.48 -22.94
O3 NAG E . 43.02 3.19 -23.37
O4 NAG E . 44.40 5.60 -24.12
O5 NAG E . 40.99 6.24 -25.29
O6 NAG E . 42.65 8.75 -25.87
O7 NAG E . 39.14 2.09 -24.34
C1 NAG F . 9.87 38.17 20.75
C2 NAG F . 9.19 38.03 22.13
C3 NAG F . 8.77 39.40 22.65
C4 NAG F . 9.94 40.37 22.64
C5 NAG F . 10.57 40.42 21.25
C6 NAG F . 11.81 41.27 21.20
C7 NAG F . 8.08 35.86 22.48
C8 NAG F . 9.38 35.38 23.04
N2 NAG F . 8.05 37.13 22.06
O3 NAG F . 8.23 39.26 23.97
O4 NAG F . 9.49 41.68 23.00
O5 NAG F . 10.96 39.09 20.85
O6 NAG F . 11.98 41.86 19.92
O7 NAG F . 7.09 35.13 22.40
C1 NAG F . 9.27 38.99 24.94
C2 NAG F . 9.12 39.92 26.16
C3 NAG F . 7.85 39.60 26.97
C4 NAG F . 7.39 38.17 26.74
C5 NAG F . 8.61 37.27 26.60
C6 NAG F . 8.26 35.80 26.55
C7 NAG F . 11.14 40.90 27.15
C8 NAG F . 12.30 40.69 28.07
N2 NAG F . 10.29 39.88 27.02
O3 NAG F . 6.81 40.51 26.59
O4 NAG F . 6.60 37.73 27.84
O5 NAG F . 9.29 37.57 25.39
O6 NAG F . 9.24 35.00 27.20
O7 NAG F . 10.98 41.96 26.55
C1 NAG G . 24.94 -20.04 35.16
C2 NAG G . 26.03 -20.42 36.16
C3 NAG G . 27.41 -20.27 35.52
C4 NAG G . 27.49 -21.05 34.22
C5 NAG G . 26.35 -20.62 33.29
C6 NAG G . 26.29 -21.44 32.02
C7 NAG G . 25.86 -20.15 38.59
C8 NAG G . 25.89 -21.64 38.67
N2 NAG G . 25.93 -19.62 37.37
O3 NAG G . 28.40 -20.72 36.43
O4 NAG G . 28.73 -20.80 33.57
O5 NAG G . 25.09 -20.82 33.96
O6 NAG G . 26.71 -20.68 30.89
O7 NAG G . 25.78 -19.45 39.60
C1 NAG G . 29.54 -22.00 33.65
C2 NAG G . 30.65 -21.92 32.62
C3 NAG G . 31.57 -23.14 32.71
C4 NAG G . 32.08 -23.30 34.13
C5 NAG G . 30.91 -23.33 35.12
C6 NAG G . 31.35 -23.37 36.56
C7 NAG G . 30.45 -20.84 30.41
C8 NAG G . 31.48 -19.86 30.89
N2 NAG G . 30.10 -21.80 31.27
O3 NAG G . 32.67 -22.98 31.81
O4 NAG G . 32.82 -24.51 34.25
O5 NAG G . 30.12 -22.15 34.96
O6 NAG G . 30.26 -23.66 37.42
O7 NAG G . 29.98 -20.78 29.28
C1 BMA G . 34.21 -24.18 34.48
C2 BMA G . 34.74 -25.12 35.59
C3 BMA G . 36.25 -24.93 35.77
C4 BMA G . 36.99 -24.99 34.42
C5 BMA G . 36.35 -23.98 33.44
C6 BMA G . 37.01 -24.00 32.07
O2 BMA G . 34.54 -26.48 35.24
O3 BMA G . 36.80 -25.90 36.66
O4 BMA G . 38.36 -24.69 34.60
O5 BMA G . 34.97 -24.32 33.28
O6 BMA G . 36.53 -22.89 31.33
C1 NAG H . 20.02 -34.74 19.72
C2 NAG H . 20.73 -34.04 18.55
C3 NAG H . 22.02 -34.76 18.14
C4 NAG H . 21.96 -36.28 18.26
C5 NAG H . 21.17 -36.73 19.48
C6 NAG H . 21.92 -37.75 20.33
C7 NAG H . 19.12 -34.78 16.79
C8 NAG H . 18.29 -34.31 15.63
N2 NAG H . 19.85 -33.83 17.40
O3 NAG H . 23.11 -34.25 18.91
O4 NAG H . 21.41 -36.86 17.08
O5 NAG H . 20.90 -35.62 20.33
O6 NAG H . 23.21 -37.27 20.69
O7 NAG H . 19.14 -35.95 17.15
C1 NAG H . 22.40 -37.78 16.59
C2 NAG H . 21.71 -39.12 16.29
C3 NAG H . 22.73 -40.12 15.74
C4 NAG H . 23.46 -39.53 14.54
C5 NAG H . 24.05 -38.16 14.89
C6 NAG H . 24.68 -37.47 13.70
C7 NAG H . 19.75 -39.61 17.68
C8 NAG H . 19.25 -40.19 18.97
N2 NAG H . 21.07 -39.65 17.48
O3 NAG H . 22.06 -41.32 15.37
O4 NAG H . 24.53 -40.39 14.16
O5 NAG H . 23.02 -37.30 15.39
O6 NAG H . 23.68 -37.05 12.76
O7 NAG H . 18.98 -39.10 16.85
C1 BMA H . 24.19 -41.07 12.93
C2 BMA H . 25.46 -41.09 12.05
C3 BMA H . 25.24 -41.98 10.81
C4 BMA H . 24.65 -43.34 11.20
C5 BMA H . 23.37 -43.14 12.03
C6 BMA H . 22.74 -44.45 12.47
O2 BMA H . 26.57 -41.64 12.75
O3 BMA H . 26.44 -42.16 10.08
O4 BMA H . 24.35 -44.09 10.03
O5 BMA H . 23.72 -42.39 13.20
O6 BMA H . 22.65 -45.31 11.34
C1 NAG I . -31.87 -12.03 7.58
C2 NAG I . -32.21 -11.41 8.92
C3 NAG I . -31.85 -9.93 8.93
C4 NAG I . -30.40 -9.72 8.51
C5 NAG I . -30.11 -10.45 7.19
C6 NAG I . -28.66 -10.41 6.80
C7 NAG I . -34.03 -12.27 10.32
C8 NAG I . -35.53 -12.37 10.50
N2 NAG I . -33.62 -11.60 9.25
O3 NAG I . -32.07 -9.39 10.22
O4 NAG I . -30.14 -8.34 8.34
O5 NAG I . -30.48 -11.83 7.29
O6 NAG I . -28.12 -11.72 6.64
O7 NAG I . -33.26 -12.78 11.12
C1 NAG I . -29.36 -7.84 9.44
C2 NAG I . -28.30 -6.89 8.89
C3 NAG I . -27.50 -6.28 10.05
C4 NAG I . -28.42 -5.64 11.07
C5 NAG I . -29.48 -6.65 11.53
C6 NAG I . -30.51 -6.04 12.44
C7 NAG I . -26.97 -6.98 6.84
C8 NAG I . -26.07 -7.82 5.98
N2 NAG I . -27.42 -7.56 7.96
O3 NAG I . -26.59 -5.31 9.53
O4 NAG I . -27.68 -5.20 12.19
O5 NAG I . -30.19 -7.15 10.38
O6 NAG I . -31.41 -5.18 11.75
O7 NAG I . -27.28 -5.83 6.53
C1 BMA I . -27.59 -3.75 12.16
C2 BMA I . -28.12 -3.19 13.50
C3 BMA I . -27.88 -1.69 13.58
C4 BMA I . -26.44 -1.32 13.19
C5 BMA I . -26.10 -1.92 11.83
C6 BMA I . -24.67 -1.63 11.40
O2 BMA I . -27.41 -3.77 14.60
O3 BMA I . -28.20 -1.17 14.87
O4 BMA I . -26.30 0.09 13.14
O5 BMA I . -26.26 -3.33 11.91
O6 BMA I . -24.52 -2.04 10.05
C1 NAG J . -10.03 -19.55 12.95
C2 NAG J . -10.82 -19.70 14.26
C3 NAG J . -11.72 -18.47 14.49
C4 NAG J . -10.92 -17.18 14.37
C5 NAG J . -10.10 -17.17 13.07
C6 NAG J . -9.19 -15.97 12.94
C7 NAG J . -12.57 -21.40 13.58
C8 NAG J . -13.03 -20.54 12.43
N2 NAG J . -11.57 -20.95 14.35
O3 NAG J . -12.29 -18.57 15.79
O4 NAG J . -11.80 -16.06 14.32
O5 NAG J . -9.27 -18.34 12.99
O6 NAG J . -7.83 -16.34 13.14
O7 NAG J . -13.09 -22.49 13.79
C1 NAG J . -12.08 -15.50 15.61
C2 NAG J . -11.55 -14.07 15.68
C3 NAG J . -11.95 -13.41 17.00
C4 NAG J . -13.45 -13.52 17.23
C5 NAG J . -13.87 -14.98 17.14
C6 NAG J . -15.36 -15.19 17.27
C7 NAG J . -9.21 -14.59 16.29
C8 NAG J . -7.78 -14.39 15.91
N2 NAG J . -10.11 -14.00 15.48
O3 NAG J . -11.57 -12.03 16.98
O4 NAG J . -13.80 -13.00 18.50
O5 NAG J . -13.49 -15.52 15.86
O6 NAG J . -15.77 -16.42 16.69
O7 NAG J . -9.54 -15.23 17.29
C1 BMA J . -14.50 -11.75 18.30
C2 BMA J . -15.95 -11.91 18.81
C3 BMA J . -16.68 -10.56 18.75
C4 BMA J . -15.85 -9.43 19.39
C5 BMA J . -14.45 -9.40 18.78
C6 BMA J . -13.56 -8.34 19.39
O2 BMA J . -15.97 -12.32 20.17
O3 BMA J . -17.96 -10.63 19.35
O4 BMA J . -16.49 -8.19 19.20
O5 BMA J . -13.83 -10.68 18.97
O6 BMA J . -12.36 -8.24 18.62
C1 NAG K . -10.94 28.61 7.01
C2 NAG K . -11.71 27.31 7.20
C3 NAG K . -13.21 27.54 6.93
C4 NAG K . -13.73 28.68 7.78
C5 NAG K . -12.88 29.93 7.56
C6 NAG K . -13.26 31.08 8.46
C7 NAG K . -10.85 25.04 6.78
C8 NAG K . -11.02 24.80 8.25
N2 NAG K . -11.20 26.26 6.34
O3 NAG K . -13.93 26.34 7.22
O4 NAG K . -15.07 28.97 7.44
O5 NAG K . -11.49 29.63 7.84
O6 NAG K . -13.90 30.63 9.64
O7 NAG K . -10.42 24.17 6.02
#